data_3D0R
#
_entry.id   3D0R
#
_cell.length_a   57.440
_cell.length_b   97.677
_cell.length_c   63.046
_cell.angle_alpha   90.000
_cell.angle_beta   90.620
_cell.angle_gamma   90.000
#
_symmetry.space_group_name_H-M   'P 1 21 1'
#
loop_
_entity.id
_entity.type
_entity.pdbx_description
1 polymer 'Protein CalG3'
2 non-polymer 2-{2-[2-(2-{2-[2-(2-ETHOXY-ETHOXY)-ETHOXY]-ETHOXY}-ETHOXY)-ETHOXY]-ETHOXY}-ETHANOL
3 water water
#
_entity_poly.entity_id   1
_entity_poly.type   'polypeptide(L)'
_entity_poly.pdbx_seq_one_letter_code
;GHHHHHHHHHHSSGHIEGRHMRVLFVSSPGIGHLFPLIQLAWGFRTAGHDVLIAVAEHADRAAAAGLEVVDVAPDYSAVK
VFEQVAKDNPRFAETVATRPAIDLEEWGVQIAAVNRPLVDGTMALVDDYRPDLVVYEQGATVGLLAADRAGVPAVQRNQS
AWRTRGMHRSIASFLTDLMDKHQVSLPEPVATIESFPPSLLLEAEPEGWFMRWVPYGGGAVLGDRLPPVPARPEVAITMG
TIELQAFGIGAVEPIIAAAGEVDADFVLALGDLDISPLGTLPRNVRAVGWTPLHTLLRTCTAVVHHGGGGTVMTAIDAGI
PQLLAPDPRDQFQHTAREAVSRRGIGLVSTSDKVDADLLRRLIGDESLRTAAREVREEMVALPTPAETVRRIVERISG
;
_entity_poly.pdbx_strand_id   A,B
#
loop_
_chem_comp.id
_chem_comp.type
_chem_comp.name
_chem_comp.formula
PE4 non-polymer 2-{2-[2-(2-{2-[2-(2-ETHOXY-ETHOXY)-ETHOXY]-ETHOXY}-ETHOXY)-ETHOXY]-ETHOXY}-ETHANOL 'C16 H34 O8'
#
# COMPACT_ATOMS: atom_id res chain seq x y z
N HIS A 20 -17.86 1.25 12.06
CA HIS A 20 -16.36 1.09 12.01
C HIS A 20 -15.96 -0.30 12.47
N MET A 21 -15.16 -1.00 11.67
CA MET A 21 -14.85 -2.41 11.91
C MET A 21 -13.37 -2.70 12.11
N ARG A 22 -13.08 -3.82 12.76
CA ARG A 22 -11.75 -4.40 12.78
C ARG A 22 -11.77 -5.59 11.83
N VAL A 23 -10.99 -5.51 10.78
CA VAL A 23 -10.95 -6.58 9.79
C VAL A 23 -9.64 -7.34 9.82
N LEU A 24 -9.71 -8.65 10.02
CA LEU A 24 -8.51 -9.52 9.97
C LEU A 24 -8.43 -10.19 8.60
N PHE A 25 -7.30 -10.01 7.93
CA PHE A 25 -7.04 -10.72 6.67
C PHE A 25 -6.14 -11.89 7.03
N VAL A 26 -6.33 -13.04 6.38
CA VAL A 26 -5.55 -14.23 6.74
C VAL A 26 -5.01 -14.88 5.46
N SER A 27 -3.69 -15.04 5.40
CA SER A 27 -3.06 -15.58 4.20
C SER A 27 -2.15 -16.70 4.63
N SER A 28 -2.39 -17.89 4.08
CA SER A 28 -1.49 -19.00 4.40
C SER A 28 -0.31 -18.95 3.46
N PRO A 29 0.84 -19.51 3.85
CA PRO A 29 1.91 -19.61 2.87
C PRO A 29 1.55 -20.31 1.56
N GLY A 30 2.11 -19.84 0.45
CA GLY A 30 1.94 -20.53 -0.82
C GLY A 30 1.92 -19.54 -1.96
N ILE A 31 2.08 -20.06 -3.17
CA ILE A 31 2.33 -19.20 -4.32
C ILE A 31 1.05 -18.44 -4.69
N GLY A 32 1.15 -17.11 -4.76
CA GLY A 32 0.02 -16.29 -5.20
C GLY A 32 -1.02 -16.03 -4.14
N HIS A 33 -0.82 -16.50 -2.90
CA HIS A 33 -1.86 -16.41 -1.88
C HIS A 33 -2.08 -14.99 -1.36
N LEU A 34 -0.98 -14.25 -1.17
CA LEU A 34 -1.06 -12.95 -0.51
C LEU A 34 -1.56 -11.77 -1.37
N PHE A 35 -1.00 -11.63 -2.57
CA PHE A 35 -1.16 -10.38 -3.32
C PHE A 35 -2.62 -10.14 -3.72
N PRO A 36 -3.39 -11.22 -4.05
CA PRO A 36 -4.81 -10.97 -4.35
C PRO A 36 -5.66 -10.45 -3.16
N LEU A 37 -5.09 -10.41 -1.95
CA LEU A 37 -5.83 -9.82 -0.82
C LEU A 37 -5.60 -8.31 -0.72
N ILE A 38 -4.54 -7.82 -1.34
CA ILE A 38 -4.08 -6.43 -1.09
C ILE A 38 -5.09 -5.34 -1.47
N GLN A 39 -5.69 -5.44 -2.66
CA GLN A 39 -6.72 -4.42 -3.06
C GLN A 39 -7.87 -4.35 -2.06
N LEU A 40 -8.33 -5.52 -1.61
CA LEU A 40 -9.36 -5.58 -0.57
C LEU A 40 -8.88 -4.98 0.77
N ALA A 41 -7.64 -5.28 1.18
CA ALA A 41 -7.11 -4.72 2.44
C ALA A 41 -7.07 -3.18 2.39
N TRP A 42 -6.58 -2.65 1.27
CA TRP A 42 -6.54 -1.21 1.06
C TRP A 42 -7.95 -0.65 0.98
N GLY A 43 -8.87 -1.39 0.37
CA GLY A 43 -10.28 -0.93 0.23
C GLY A 43 -10.93 -0.75 1.59
N PHE A 44 -10.71 -1.71 2.49
CA PHE A 44 -11.22 -1.57 3.85
C PHE A 44 -10.59 -0.40 4.60
N ARG A 45 -9.28 -0.22 4.46
CA ARG A 45 -8.59 0.87 5.15
C ARG A 45 -8.98 2.27 4.66
N THR A 46 -9.09 2.44 3.34
CA THR A 46 -9.48 3.73 2.75
C THR A 46 -10.96 4.05 3.03
N ALA A 47 -11.72 3.05 3.45
CA ALA A 47 -13.09 3.22 3.94
C ALA A 47 -13.10 3.42 5.45
N GLY A 48 -11.90 3.54 6.03
CA GLY A 48 -11.80 4.01 7.42
C GLY A 48 -11.73 2.88 8.44
N HIS A 49 -11.70 1.64 7.99
CA HIS A 49 -11.70 0.47 8.88
C HIS A 49 -10.30 0.11 9.34
N ASP A 50 -10.18 -0.52 10.50
CA ASP A 50 -8.91 -1.10 10.93
C ASP A 50 -8.69 -2.38 10.16
N VAL A 51 -7.43 -2.55 9.73
CA VAL A 51 -7.06 -3.70 8.89
C VAL A 51 -5.78 -4.26 9.48
N LEU A 52 -5.73 -5.58 9.61
CA LEU A 52 -4.53 -6.27 10.09
C LEU A 52 -4.41 -7.54 9.27
N ILE A 53 -3.18 -7.94 8.95
CA ILE A 53 -2.99 -9.14 8.14
C ILE A 53 -2.25 -10.15 8.95
N ALA A 54 -2.82 -11.36 9.00
CA ALA A 54 -2.11 -12.50 9.57
C ALA A 54 -1.51 -13.37 8.46
N VAL A 55 -0.21 -13.60 8.54
CA VAL A 55 0.53 -14.37 7.52
CA VAL A 55 0.49 -14.41 7.53
C VAL A 55 1.66 -15.13 8.19
N ALA A 56 2.28 -16.03 7.44
CA ALA A 56 3.56 -16.62 7.82
C ALA A 56 4.34 -16.65 6.52
N GLU A 57 5.67 -16.71 6.60
CA GLU A 57 6.53 -16.68 5.40
C GLU A 57 6.44 -15.31 4.70
N HIS A 58 7.56 -14.62 4.53
CA HIS A 58 7.48 -13.27 3.90
C HIS A 58 6.34 -12.38 4.43
N ALA A 59 6.19 -12.28 5.75
CA ALA A 59 5.37 -11.22 6.35
C ALA A 59 5.85 -9.86 5.86
N ASP A 60 7.14 -9.78 5.53
CA ASP A 60 7.73 -8.53 5.00
C ASP A 60 7.03 -8.01 3.73
N ARG A 61 6.62 -8.92 2.85
CA ARG A 61 5.89 -8.54 1.62
C ARG A 61 4.57 -7.82 1.92
N ALA A 62 3.84 -8.30 2.94
CA ALA A 62 2.56 -7.68 3.36
C ALA A 62 2.81 -6.26 3.86
N ALA A 63 3.89 -6.12 4.65
CA ALA A 63 4.29 -4.85 5.24
C ALA A 63 4.73 -3.87 4.16
N ALA A 64 5.32 -4.40 3.08
CA ALA A 64 5.74 -3.61 1.93
C ALA A 64 4.53 -3.17 1.09
N ALA A 65 3.33 -3.60 1.45
CA ALA A 65 2.12 -3.05 0.84
C ALA A 65 1.51 -1.95 1.73
N GLY A 66 2.27 -1.52 2.73
CA GLY A 66 1.81 -0.50 3.71
C GLY A 66 0.84 -1.00 4.75
N LEU A 67 0.79 -2.32 4.96
CA LEU A 67 -0.13 -2.93 5.91
C LEU A 67 0.53 -3.30 7.24
N GLU A 68 -0.27 -3.37 8.30
CA GLU A 68 0.17 -3.85 9.60
C GLU A 68 0.01 -5.37 9.59
N VAL A 69 1.04 -6.09 10.04
CA VAL A 69 1.14 -7.53 9.84
C VAL A 69 1.52 -8.21 11.15
N VAL A 70 0.90 -9.35 11.42
CA VAL A 70 1.35 -10.24 12.48
C VAL A 70 1.79 -11.54 11.83
N ASP A 71 3.03 -11.95 12.12
CA ASP A 71 3.53 -13.22 11.63
C ASP A 71 3.06 -14.30 12.61
N VAL A 72 2.04 -15.08 12.22
CA VAL A 72 1.47 -16.06 13.16
C VAL A 72 2.24 -17.40 13.23
N ALA A 73 3.32 -17.55 12.44
CA ALA A 73 4.22 -18.70 12.58
C ALA A 73 5.64 -18.31 12.17
N PRO A 74 6.35 -17.57 13.04
CA PRO A 74 7.61 -16.97 12.55
C PRO A 74 8.72 -17.99 12.23
N ASP A 75 8.57 -19.22 12.71
CA ASP A 75 9.48 -20.33 12.45
C ASP A 75 9.09 -21.11 11.18
N TYR A 76 8.03 -20.67 10.50
CA TYR A 76 7.47 -21.46 9.41
C TYR A 76 8.51 -21.88 8.38
N SER A 77 8.58 -23.19 8.09
CA SER A 77 9.42 -23.71 7.01
C SER A 77 8.62 -24.61 6.07
N ALA A 78 8.43 -24.18 4.82
CA ALA A 78 7.75 -25.02 3.83
C ALA A 78 8.40 -26.40 3.71
N VAL A 79 9.74 -26.43 3.70
CA VAL A 79 10.42 -27.71 3.55
C VAL A 79 10.12 -28.66 4.72
N LYS A 80 10.17 -28.17 5.97
CA LYS A 80 9.86 -29.02 7.12
C LYS A 80 8.41 -29.49 7.07
N VAL A 81 7.53 -28.59 6.64
CA VAL A 81 6.11 -28.90 6.51
C VAL A 81 5.92 -30.08 5.54
N PHE A 82 6.46 -29.98 4.33
CA PHE A 82 6.24 -31.03 3.33
C PHE A 82 6.94 -32.33 3.72
N GLU A 83 8.12 -32.21 4.33
CA GLU A 83 8.83 -33.39 4.80
C GLU A 83 7.98 -34.22 5.75
N GLN A 84 7.33 -33.56 6.69
CA GLN A 84 6.49 -34.23 7.68
C GLN A 84 5.27 -34.88 7.02
N VAL A 85 4.59 -34.14 6.13
CA VAL A 85 3.47 -34.70 5.35
C VAL A 85 3.85 -36.02 4.68
N ALA A 86 4.98 -36.03 3.98
CA ALA A 86 5.41 -37.25 3.27
C ALA A 86 5.70 -38.40 4.22
N LYS A 87 6.26 -38.08 5.38
CA LYS A 87 6.58 -39.10 6.39
C LYS A 87 5.30 -39.79 6.90
N ASP A 88 4.30 -38.97 7.19
CA ASP A 88 3.04 -39.40 7.80
C ASP A 88 1.97 -39.81 6.75
N ASN A 89 2.18 -39.45 5.48
CA ASN A 89 1.21 -39.80 4.45
C ASN A 89 1.81 -40.43 3.19
N PRO A 90 2.18 -41.73 3.29
CA PRO A 90 2.82 -42.45 2.21
C PRO A 90 1.98 -42.56 0.93
N ARG A 91 0.68 -42.86 1.03
CA ARG A 91 -0.14 -43.01 -0.18
C ARG A 91 -0.27 -41.69 -0.93
N PHE A 92 -0.54 -40.61 -0.20
CA PHE A 92 -0.53 -39.25 -0.76
C PHE A 92 0.80 -38.88 -1.43
N ALA A 93 1.90 -39.15 -0.74
CA ALA A 93 3.23 -38.79 -1.23
C ALA A 93 3.63 -39.60 -2.49
N GLU A 94 3.05 -40.78 -2.67
CA GLU A 94 3.38 -41.61 -3.84
C GLU A 94 2.37 -41.54 -5.01
N THR A 95 1.31 -40.77 -4.84
CA THR A 95 0.30 -40.68 -5.88
C THR A 95 0.06 -39.20 -6.11
N VAL A 96 -0.81 -38.61 -5.30
CA VAL A 96 -1.22 -37.23 -5.46
C VAL A 96 -0.06 -36.22 -5.50
N ALA A 97 0.92 -36.37 -4.61
CA ALA A 97 1.96 -35.34 -4.47
C ALA A 97 2.86 -35.17 -5.71
N THR A 98 2.89 -36.17 -6.57
CA THR A 98 3.83 -36.22 -7.71
C THR A 98 3.19 -36.01 -9.11
N ARG A 99 1.93 -35.60 -9.15
CA ARG A 99 1.21 -35.50 -10.43
C ARG A 99 0.41 -34.19 -10.45
N PRO A 100 -0.06 -33.75 -11.63
CA PRO A 100 -0.80 -32.49 -11.68
C PRO A 100 -2.05 -32.59 -10.78
N ALA A 101 -2.32 -31.55 -9.99
CA ALA A 101 -3.55 -31.51 -9.19
C ALA A 101 -4.79 -31.36 -10.10
N ILE A 102 -5.87 -32.06 -9.77
CA ILE A 102 -7.15 -31.87 -10.44
C ILE A 102 -8.09 -31.02 -9.57
N ASP A 103 -7.87 -31.07 -8.26
CA ASP A 103 -8.75 -30.44 -7.29
C ASP A 103 -7.92 -30.05 -6.08
N LEU A 104 -8.28 -28.96 -5.39
CA LEU A 104 -7.54 -28.65 -4.17
C LEU A 104 -7.85 -29.65 -3.06
N GLU A 105 -9.08 -30.15 -2.99
CA GLU A 105 -9.42 -31.06 -1.89
C GLU A 105 -8.54 -32.30 -1.86
N GLU A 106 -8.04 -32.78 -3.00
CA GLU A 106 -7.10 -33.94 -3.04
C GLU A 106 -5.76 -33.71 -2.34
N TRP A 107 -5.40 -32.43 -2.23
CA TRP A 107 -4.23 -31.98 -1.50
C TRP A 107 -4.53 -31.56 -0.06
N GLY A 108 -5.71 -31.93 0.43
CA GLY A 108 -6.10 -31.56 1.80
C GLY A 108 -5.08 -31.85 2.88
N VAL A 109 -4.44 -33.03 2.86
CA VAL A 109 -3.48 -33.32 3.94
C VAL A 109 -2.31 -32.33 3.96
N GLN A 110 -1.85 -31.94 2.77
CA GLN A 110 -0.79 -30.98 2.61
C GLN A 110 -1.23 -29.56 2.99
N ILE A 111 -2.41 -29.17 2.55
CA ILE A 111 -2.92 -27.85 2.87
C ILE A 111 -3.12 -27.73 4.39
N ALA A 112 -3.57 -28.82 5.02
CA ALA A 112 -3.77 -28.82 6.47
C ALA A 112 -2.42 -28.64 7.16
N ALA A 113 -1.38 -29.27 6.63
CA ALA A 113 -0.07 -29.20 7.27
C ALA A 113 0.50 -27.80 7.19
N VAL A 114 0.18 -27.09 6.09
CA VAL A 114 0.56 -25.68 5.91
C VAL A 114 -0.20 -24.79 6.91
N ASN A 115 -1.49 -25.06 7.09
CA ASN A 115 -2.29 -24.32 8.09
C ASN A 115 -1.94 -24.60 9.56
N ARG A 116 -1.57 -25.84 9.87
CA ARG A 116 -1.32 -26.29 11.25
C ARG A 116 -0.42 -25.33 12.07
N PRO A 117 0.79 -24.98 11.56
CA PRO A 117 1.57 -24.11 12.44
C PRO A 117 1.07 -22.66 12.54
N LEU A 118 0.09 -22.27 11.72
CA LEU A 118 -0.54 -20.96 11.86
C LEU A 118 -1.65 -20.88 12.92
N VAL A 119 -2.15 -22.02 13.37
CA VAL A 119 -3.37 -22.04 14.16
C VAL A 119 -3.22 -21.37 15.52
N ASP A 120 -2.18 -21.73 16.27
CA ASP A 120 -2.09 -21.25 17.68
C ASP A 120 -1.95 -19.74 17.72
N GLY A 121 -1.10 -19.22 16.84
CA GLY A 121 -0.83 -17.78 16.76
C GLY A 121 -2.02 -17.00 16.22
N THR A 122 -2.76 -17.59 15.29
CA THR A 122 -3.94 -16.93 14.75
C THR A 122 -5.07 -16.89 15.77
N MET A 123 -5.19 -17.96 16.56
CA MET A 123 -6.21 -18.01 17.60
C MET A 123 -5.86 -16.94 18.63
N ALA A 124 -4.59 -16.84 18.96
CA ALA A 124 -4.15 -15.87 19.94
C ALA A 124 -4.46 -14.46 19.44
N LEU A 125 -4.17 -14.23 18.16
CA LEU A 125 -4.42 -12.96 17.53
C LEU A 125 -5.89 -12.58 17.45
N VAL A 126 -6.75 -13.55 17.20
CA VAL A 126 -8.20 -13.30 17.18
C VAL A 126 -8.68 -12.90 18.59
N ASP A 127 -8.12 -13.51 19.61
CA ASP A 127 -8.48 -13.20 21.01
C ASP A 127 -8.00 -11.80 21.42
N ASP A 128 -6.86 -11.38 20.89
CA ASP A 128 -6.30 -10.04 21.15
C ASP A 128 -6.93 -8.92 20.29
N TYR A 129 -7.25 -9.21 19.04
CA TYR A 129 -7.67 -8.20 18.05
C TYR A 129 -9.19 -8.10 17.98
N ARG A 130 -9.83 -9.23 18.23
CA ARG A 130 -11.28 -9.38 18.19
C ARG A 130 -11.89 -8.78 16.91
N PRO A 131 -11.62 -9.40 15.75
CA PRO A 131 -12.11 -8.81 14.48
C PRO A 131 -13.63 -8.89 14.37
N ASP A 132 -14.19 -8.03 13.54
CA ASP A 132 -15.61 -8.03 13.28
C ASP A 132 -15.89 -8.84 12.02
N LEU A 133 -14.80 -9.19 11.36
CA LEU A 133 -14.82 -9.78 10.04
C LEU A 133 -13.48 -10.41 9.73
N VAL A 134 -13.52 -11.60 9.14
CA VAL A 134 -12.31 -12.21 8.66
C VAL A 134 -12.42 -12.30 7.12
N VAL A 135 -11.36 -11.87 6.43
CA VAL A 135 -11.20 -12.12 4.98
C VAL A 135 -10.01 -13.05 4.82
N TYR A 136 -10.18 -14.20 4.18
CA TYR A 136 -9.08 -15.19 4.08
C TYR A 136 -8.93 -15.65 2.63
N GLU A 137 -7.70 -15.91 2.21
CA GLU A 137 -7.52 -16.54 0.90
C GLU A 137 -7.90 -18.04 0.94
N GLN A 138 -8.24 -18.57 -0.22
CA GLN A 138 -8.85 -19.89 -0.42
C GLN A 138 -8.14 -21.03 0.29
N GLY A 139 -6.82 -21.02 0.29
CA GLY A 139 -6.06 -22.10 0.95
C GLY A 139 -5.95 -21.99 2.48
N ALA A 140 -6.46 -20.90 3.05
CA ALA A 140 -6.24 -20.59 4.47
C ALA A 140 -7.44 -21.03 5.33
N THR A 141 -7.61 -22.34 5.48
CA THR A 141 -8.70 -22.87 6.30
C THR A 141 -8.63 -22.31 7.73
N VAL A 142 -7.43 -22.03 8.21
CA VAL A 142 -7.24 -21.42 9.53
C VAL A 142 -8.01 -20.11 9.66
N GLY A 143 -8.20 -19.40 8.54
CA GLY A 143 -9.06 -18.19 8.49
C GLY A 143 -10.51 -18.49 8.90
N LEU A 144 -11.08 -19.59 8.39
CA LEU A 144 -12.40 -20.03 8.82
C LEU A 144 -12.47 -20.41 10.32
N LEU A 145 -11.45 -21.11 10.80
CA LEU A 145 -11.42 -21.46 12.23
C LEU A 145 -11.29 -20.21 13.10
N ALA A 146 -10.48 -19.24 12.65
CA ALA A 146 -10.32 -17.96 13.32
C ALA A 146 -11.65 -17.21 13.39
N ALA A 147 -12.38 -17.17 12.28
CA ALA A 147 -13.74 -16.60 12.26
C ALA A 147 -14.69 -17.25 13.26
N ASP A 148 -14.55 -18.56 13.45
CA ASP A 148 -15.41 -19.27 14.37
C ASP A 148 -15.07 -18.91 15.82
N ARG A 149 -13.77 -18.81 16.13
CA ARG A 149 -13.25 -18.34 17.41
C ARG A 149 -13.84 -16.96 17.76
N ALA A 150 -13.81 -16.07 16.80
CA ALA A 150 -14.29 -14.72 16.98
C ALA A 150 -15.81 -14.67 17.00
N GLY A 151 -16.46 -15.71 16.47
CA GLY A 151 -17.91 -15.70 16.30
C GLY A 151 -18.38 -14.64 15.28
N VAL A 152 -17.61 -14.48 14.20
CA VAL A 152 -17.90 -13.48 13.16
C VAL A 152 -17.86 -14.09 11.73
N PRO A 153 -18.47 -13.37 10.74
CA PRO A 153 -18.49 -13.87 9.35
C PRO A 153 -17.11 -13.94 8.72
N ALA A 154 -16.93 -14.92 7.82
CA ALA A 154 -15.70 -15.06 7.04
C ALA A 154 -16.02 -14.86 5.58
N VAL A 155 -15.16 -14.10 4.89
CA VAL A 155 -15.22 -13.93 3.44
C VAL A 155 -13.96 -14.53 2.77
N GLN A 156 -14.15 -15.42 1.79
CA GLN A 156 -13.02 -16.08 1.11
C GLN A 156 -12.65 -15.33 -0.15
N ARG A 157 -11.35 -15.37 -0.49
CA ARG A 157 -10.84 -14.74 -1.69
C ARG A 157 -10.14 -15.78 -2.55
N ASN A 158 -10.64 -15.99 -3.78
CA ASN A 158 -10.04 -16.93 -4.72
C ASN A 158 -9.04 -16.24 -5.63
N GLN A 159 -7.89 -16.88 -5.87
CA GLN A 159 -6.86 -16.29 -6.75
C GLN A 159 -6.93 -16.72 -8.20
N SER A 160 -7.64 -17.81 -8.46
CA SER A 160 -7.52 -18.48 -9.76
C SER A 160 -8.80 -19.25 -10.07
N ALA A 161 -8.69 -20.25 -10.95
CA ALA A 161 -9.86 -20.99 -11.38
C ALA A 161 -10.34 -22.10 -10.41
N TRP A 162 -9.51 -22.45 -9.41
CA TRP A 162 -9.82 -23.56 -8.51
C TRP A 162 -11.16 -23.38 -7.83
N ARG A 163 -11.96 -24.45 -7.84
CA ARG A 163 -13.23 -24.49 -7.11
C ARG A 163 -12.99 -25.04 -5.69
N THR A 164 -13.66 -24.44 -4.72
CA THR A 164 -13.46 -24.81 -3.33
C THR A 164 -13.99 -26.23 -3.06
N ARG A 165 -15.23 -26.46 -3.47
CA ARG A 165 -15.89 -27.72 -3.23
C ARG A 165 -15.76 -28.12 -1.76
N GLY A 166 -15.30 -29.32 -1.46
CA GLY A 166 -15.23 -29.78 -0.08
C GLY A 166 -13.88 -29.65 0.57
N MET A 167 -13.03 -28.74 0.06
CA MET A 167 -11.62 -28.75 0.51
C MET A 167 -11.46 -28.49 2.01
N HIS A 168 -12.27 -27.58 2.54
CA HIS A 168 -12.07 -27.11 3.92
C HIS A 168 -12.44 -28.19 4.94
N ARG A 169 -13.50 -28.95 4.67
CA ARG A 169 -13.82 -30.06 5.57
C ARG A 169 -12.70 -31.10 5.55
N SER A 170 -12.17 -31.38 4.35
CA SER A 170 -11.05 -32.32 4.23
C SER A 170 -9.81 -31.87 4.99
N ILE A 171 -9.45 -30.61 4.82
CA ILE A 171 -8.28 -29.99 5.49
C ILE A 171 -8.47 -29.99 7.00
N ALA A 172 -9.66 -29.59 7.44
CA ALA A 172 -9.99 -29.53 8.85
C ALA A 172 -9.96 -30.92 9.51
N SER A 173 -10.26 -31.96 8.74
CA SER A 173 -10.27 -33.33 9.27
C SER A 173 -8.84 -33.73 9.66
N PHE A 174 -7.84 -33.00 9.18
CA PHE A 174 -6.49 -33.24 9.66
C PHE A 174 -6.09 -32.30 10.82
N LEU A 175 -7.03 -31.46 11.26
CA LEU A 175 -6.75 -30.44 12.28
C LEU A 175 -7.66 -30.60 13.51
N THR A 176 -8.18 -31.82 13.72
CA THR A 176 -9.07 -32.13 14.85
C THR A 176 -8.51 -31.80 16.24
N ASP A 177 -7.24 -32.14 16.48
CA ASP A 177 -6.60 -31.85 17.76
C ASP A 177 -6.57 -30.35 18.08
N LEU A 178 -6.27 -29.54 17.06
CA LEU A 178 -6.20 -28.09 17.22
C LEU A 178 -7.59 -27.46 17.40
N MET A 179 -8.57 -28.00 16.67
CA MET A 179 -9.92 -27.47 16.77
C MET A 179 -10.50 -27.77 18.15
N ASP A 180 -10.22 -28.97 18.66
CA ASP A 180 -10.62 -29.37 20.02
C ASP A 180 -9.91 -28.54 21.09
N LYS A 181 -8.59 -28.38 20.96
CA LYS A 181 -7.78 -27.53 21.85
C LYS A 181 -8.30 -26.10 21.88
N HIS A 182 -8.65 -25.58 20.71
CA HIS A 182 -9.12 -24.19 20.60
C HIS A 182 -10.64 -24.06 20.64
N GLN A 183 -11.32 -25.18 20.80
CA GLN A 183 -12.77 -25.20 20.92
C GLN A 183 -13.47 -24.47 19.76
N VAL A 184 -13.09 -24.82 18.53
CA VAL A 184 -13.70 -24.23 17.33
C VAL A 184 -14.22 -25.32 16.41
N SER A 185 -15.18 -24.96 15.58
CA SER A 185 -15.64 -25.84 14.52
C SER A 185 -15.46 -25.11 13.21
N LEU A 186 -15.68 -25.80 12.09
CA LEU A 186 -15.43 -25.21 10.79
C LEU A 186 -16.70 -24.54 10.23
N PRO A 187 -16.68 -23.21 10.05
CA PRO A 187 -17.84 -22.59 9.45
C PRO A 187 -17.72 -22.54 7.93
N GLU A 188 -18.76 -22.05 7.25
CA GLU A 188 -18.61 -21.77 5.85
C GLU A 188 -18.54 -20.27 5.61
N PRO A 189 -17.87 -19.87 4.54
CA PRO A 189 -17.75 -18.44 4.26
C PRO A 189 -19.11 -17.86 3.87
N VAL A 190 -19.34 -16.58 4.16
CA VAL A 190 -20.59 -15.92 3.82
CA VAL A 190 -20.60 -15.94 3.82
C VAL A 190 -20.61 -15.46 2.35
N ALA A 191 -19.41 -15.34 1.78
CA ALA A 191 -19.22 -14.94 0.39
C ALA A 191 -17.82 -15.34 -0.06
N THR A 192 -17.67 -15.63 -1.35
CA THR A 192 -16.40 -15.98 -1.93
C THR A 192 -16.09 -15.08 -3.13
N ILE A 193 -14.99 -14.33 -3.05
CA ILE A 193 -14.70 -13.31 -4.06
C ILE A 193 -13.79 -13.89 -5.10
N GLU A 194 -14.26 -13.89 -6.35
CA GLU A 194 -13.54 -14.53 -7.46
C GLU A 194 -12.52 -13.57 -8.05
N SER A 195 -11.43 -14.14 -8.59
CA SER A 195 -10.46 -13.36 -9.41
C SER A 195 -10.83 -13.42 -10.89
N PHE A 196 -11.34 -14.56 -11.34
CA PHE A 196 -11.67 -14.78 -12.74
C PHE A 196 -13.10 -14.34 -13.00
N PRO A 197 -13.37 -13.73 -14.15
CA PRO A 197 -14.73 -13.35 -14.45
C PRO A 197 -15.60 -14.58 -14.75
N PRO A 198 -16.93 -14.39 -14.76
CA PRO A 198 -17.85 -15.51 -14.95
C PRO A 198 -17.53 -16.40 -16.17
N SER A 199 -17.18 -15.78 -17.31
CA SER A 199 -17.01 -16.56 -18.54
C SER A 199 -15.77 -17.46 -18.55
N LEU A 200 -14.84 -17.22 -17.61
CA LEU A 200 -13.68 -18.08 -17.43
C LEU A 200 -13.96 -19.30 -16.54
N LEU A 201 -15.07 -19.24 -15.82
CA LEU A 201 -15.38 -20.26 -14.82
C LEU A 201 -16.49 -21.17 -15.33
N LEU A 202 -16.29 -22.48 -15.17
CA LEU A 202 -17.25 -23.45 -15.66
C LEU A 202 -18.25 -23.81 -14.57
N GLU A 203 -17.92 -23.46 -13.32
CA GLU A 203 -18.66 -23.90 -12.18
C GLU A 203 -18.67 -22.78 -11.16
N ALA A 204 -19.80 -22.52 -10.53
CA ALA A 204 -19.85 -21.39 -9.59
C ALA A 204 -19.54 -21.81 -8.15
N GLU A 205 -19.03 -20.85 -7.38
CA GLU A 205 -18.86 -21.01 -5.94
C GLU A 205 -20.19 -20.74 -5.23
N PRO A 206 -20.42 -21.39 -4.06
CA PRO A 206 -21.57 -20.96 -3.28
C PRO A 206 -21.35 -19.50 -2.84
N GLU A 207 -22.38 -18.66 -2.94
CA GLU A 207 -22.23 -17.24 -2.59
C GLU A 207 -21.03 -16.57 -3.29
N GLY A 208 -20.78 -16.95 -4.54
CA GLY A 208 -19.69 -16.37 -5.33
C GLY A 208 -20.02 -14.95 -5.74
N TRP A 209 -19.06 -14.06 -5.53
CA TRP A 209 -19.12 -12.65 -5.88
C TRP A 209 -18.00 -12.42 -6.91
N PHE A 210 -18.31 -11.66 -7.96
CA PHE A 210 -17.32 -11.33 -8.95
C PHE A 210 -16.79 -9.89 -8.73
N MET A 211 -15.50 -9.70 -8.97
CA MET A 211 -14.85 -8.44 -8.69
C MET A 211 -13.82 -8.15 -9.78
N ARG A 212 -13.74 -6.89 -10.20
CA ARG A 212 -12.66 -6.49 -11.10
C ARG A 212 -11.28 -6.96 -10.57
N TRP A 213 -10.43 -7.43 -11.47
CA TRP A 213 -9.03 -7.68 -11.14
C TRP A 213 -8.22 -6.39 -11.33
N VAL A 214 -7.64 -5.89 -10.24
CA VAL A 214 -6.80 -4.70 -10.32
C VAL A 214 -5.41 -5.21 -9.92
N PRO A 215 -4.49 -5.33 -10.90
CA PRO A 215 -3.18 -5.95 -10.67
C PRO A 215 -2.42 -5.33 -9.50
N TYR A 216 -1.83 -6.18 -8.67
CA TYR A 216 -0.89 -5.73 -7.65
C TYR A 216 0.27 -6.71 -7.67
N GLY A 217 1.48 -6.19 -7.86
CA GLY A 217 2.67 -7.03 -7.96
C GLY A 217 3.73 -6.53 -7.02
N GLY A 218 3.34 -5.64 -6.12
CA GLY A 218 4.27 -4.99 -5.22
C GLY A 218 4.51 -3.54 -5.67
N GLY A 219 4.91 -2.70 -4.72
CA GLY A 219 5.42 -1.38 -5.06
C GLY A 219 6.74 -1.41 -5.82
N ALA A 220 7.09 -0.32 -6.47
CA ALA A 220 8.32 -0.30 -7.24
C ALA A 220 8.80 1.12 -7.47
N VAL A 221 10.10 1.33 -7.30
CA VAL A 221 10.75 2.52 -7.81
C VAL A 221 11.07 2.23 -9.30
N LEU A 222 10.28 2.81 -10.21
CA LEU A 222 10.45 2.60 -11.66
C LEU A 222 11.74 3.18 -12.23
N GLY A 223 12.33 4.14 -11.52
CA GLY A 223 13.51 4.84 -11.97
C GLY A 223 13.19 6.31 -12.08
N ASP A 224 13.85 7.02 -12.98
CA ASP A 224 13.60 8.49 -13.05
C ASP A 224 12.67 8.88 -14.21
N ARG A 225 12.08 7.86 -14.80
CA ARG A 225 11.10 8.04 -15.84
CA ARG A 225 11.16 8.01 -15.92
C ARG A 225 10.37 6.74 -16.03
N LEU A 226 9.27 6.78 -16.76
CA LEU A 226 8.57 5.56 -17.07
C LEU A 226 9.41 4.80 -18.10
N PRO A 227 9.26 3.46 -18.17
CA PRO A 227 9.94 2.74 -19.24
C PRO A 227 9.63 3.32 -20.62
N PRO A 228 10.62 3.33 -21.53
CA PRO A 228 10.38 3.82 -22.88
C PRO A 228 9.30 3.01 -23.62
N VAL A 229 8.47 3.67 -24.41
CA VAL A 229 7.44 3.03 -25.25
C VAL A 229 8.19 2.53 -26.48
N PRO A 230 8.17 1.22 -26.74
CA PRO A 230 8.86 0.70 -27.93
C PRO A 230 8.20 1.20 -29.20
N ALA A 231 8.93 1.22 -30.31
CA ALA A 231 8.43 1.61 -31.63
C ALA A 231 7.10 0.93 -31.99
N ARG A 232 7.02 -0.37 -31.70
CA ARG A 232 5.88 -1.20 -32.01
C ARG A 232 5.71 -2.08 -30.79
N PRO A 233 4.44 -2.39 -30.40
CA PRO A 233 4.21 -3.15 -29.19
C PRO A 233 4.95 -4.48 -29.23
N GLU A 234 5.48 -4.89 -28.09
CA GLU A 234 6.33 -6.09 -27.99
C GLU A 234 5.57 -7.28 -27.42
N VAL A 235 6.12 -8.48 -27.61
CA VAL A 235 5.59 -9.68 -26.94
C VAL A 235 6.44 -9.89 -25.67
N ALA A 236 5.76 -9.90 -24.52
CA ALA A 236 6.42 -10.15 -23.25
C ALA A 236 6.69 -11.64 -23.07
N ILE A 237 7.89 -11.96 -22.61
CA ILE A 237 8.18 -13.32 -22.14
C ILE A 237 8.48 -13.18 -20.64
N THR A 238 7.66 -13.77 -19.79
CA THR A 238 7.83 -13.56 -18.36
C THR A 238 7.78 -14.82 -17.51
N MET A 239 8.37 -14.75 -16.33
CA MET A 239 8.31 -15.84 -15.37
C MET A 239 8.48 -15.28 -13.96
N GLY A 240 7.72 -15.82 -13.03
CA GLY A 240 7.77 -15.34 -11.64
C GLY A 240 9.05 -15.74 -10.95
N THR A 241 9.45 -14.94 -9.96
CA THR A 241 10.72 -15.15 -9.25
C THR A 241 10.80 -16.46 -8.52
N ILE A 242 9.66 -16.94 -7.98
CA ILE A 242 9.61 -18.23 -7.29
C ILE A 242 9.61 -19.38 -8.30
N GLU A 243 8.82 -19.22 -9.36
CA GLU A 243 8.80 -20.12 -10.52
C GLU A 243 10.21 -20.35 -11.07
N LEU A 244 10.92 -19.25 -11.35
CA LEU A 244 12.30 -19.27 -11.84
C LEU A 244 13.23 -20.01 -10.87
N GLN A 245 13.01 -19.79 -9.58
CA GLN A 245 13.78 -20.48 -8.55
C GLN A 245 13.35 -21.94 -8.35
N ALA A 246 12.07 -22.23 -8.58
CA ALA A 246 11.60 -23.61 -8.51
C ALA A 246 12.07 -24.41 -9.71
N PHE A 247 12.05 -23.79 -10.90
CA PHE A 247 12.27 -24.54 -12.15
C PHE A 247 13.58 -24.26 -12.88
N GLY A 248 14.23 -23.14 -12.55
CA GLY A 248 15.48 -22.77 -13.19
C GLY A 248 15.21 -22.01 -14.47
N ILE A 249 16.26 -21.38 -14.99
CA ILE A 249 16.12 -20.52 -16.16
C ILE A 249 16.04 -21.37 -17.46
N GLY A 250 16.14 -22.68 -17.31
CA GLY A 250 15.90 -23.63 -18.40
C GLY A 250 14.43 -23.73 -18.81
N ALA A 251 13.54 -23.23 -17.94
CA ALA A 251 12.11 -23.12 -18.25
C ALA A 251 11.80 -21.94 -19.17
N VAL A 252 12.85 -21.28 -19.68
CA VAL A 252 12.67 -20.09 -20.50
C VAL A 252 13.41 -20.20 -21.84
N GLU A 253 14.55 -20.90 -21.81
CA GLU A 253 15.43 -20.96 -22.98
C GLU A 253 14.71 -21.41 -24.25
N PRO A 254 13.82 -22.45 -24.17
CA PRO A 254 13.14 -22.89 -25.41
C PRO A 254 12.18 -21.86 -26.01
N ILE A 255 11.51 -21.10 -25.16
CA ILE A 255 10.68 -19.95 -25.58
C ILE A 255 11.53 -18.88 -26.31
N ILE A 256 12.62 -18.47 -25.67
CA ILE A 256 13.57 -17.50 -26.25
C ILE A 256 14.10 -17.96 -27.61
N ALA A 257 14.47 -19.24 -27.71
CA ALA A 257 14.92 -19.83 -28.99
C ALA A 257 13.87 -19.71 -30.10
N ALA A 258 12.62 -20.03 -29.73
CA ALA A 258 11.47 -19.90 -30.62
C ALA A 258 11.22 -18.46 -30.99
N ALA A 259 11.24 -17.56 -30.00
CA ALA A 259 11.11 -16.11 -30.25
C ALA A 259 12.13 -15.60 -31.28
N GLY A 260 13.37 -16.06 -31.18
CA GLY A 260 14.44 -15.61 -32.07
C GLY A 260 14.16 -15.92 -33.54
N GLU A 261 13.19 -16.80 -33.80
CA GLU A 261 12.82 -17.18 -35.17
C GLU A 261 11.59 -16.44 -35.70
N VAL A 262 10.94 -15.69 -34.82
CA VAL A 262 9.71 -14.95 -35.14
C VAL A 262 9.97 -13.47 -35.51
N ASP A 263 9.31 -13.02 -36.58
CA ASP A 263 9.32 -11.62 -37.01
C ASP A 263 8.48 -10.75 -36.06
N ALA A 264 8.95 -10.62 -34.81
CA ALA A 264 8.32 -9.76 -33.84
C ALA A 264 9.38 -9.31 -32.85
N ASP A 265 9.04 -8.32 -32.04
CA ASP A 265 9.94 -7.89 -30.99
C ASP A 265 9.45 -8.46 -29.66
N PHE A 266 10.39 -8.94 -28.84
CA PHE A 266 10.06 -9.56 -27.58
C PHE A 266 10.74 -8.82 -26.44
N VAL A 267 10.09 -8.85 -25.28
CA VAL A 267 10.66 -8.26 -24.09
C VAL A 267 10.76 -9.31 -22.98
N LEU A 268 11.97 -9.57 -22.52
CA LEU A 268 12.19 -10.60 -21.53
C LEU A 268 12.21 -9.99 -20.13
N ALA A 269 11.32 -10.50 -19.27
CA ALA A 269 11.15 -9.99 -17.90
C ALA A 269 11.20 -11.13 -16.87
N LEU A 270 12.41 -11.39 -16.39
CA LEU A 270 12.64 -12.48 -15.46
C LEU A 270 12.92 -11.96 -14.07
N GLY A 271 12.23 -10.90 -13.69
CA GLY A 271 12.48 -10.24 -12.39
C GLY A 271 13.80 -9.50 -12.43
N ASP A 272 14.48 -9.43 -11.29
CA ASP A 272 15.85 -8.93 -11.27
C ASP A 272 16.79 -10.12 -11.15
N LEU A 273 16.50 -11.15 -11.95
CA LEU A 273 17.25 -12.40 -11.96
C LEU A 273 18.41 -12.29 -12.92
N ASP A 274 19.51 -12.98 -12.61
CA ASP A 274 20.66 -13.07 -13.49
C ASP A 274 20.23 -13.64 -14.85
N ILE A 275 20.46 -12.86 -15.90
CA ILE A 275 20.02 -13.21 -17.25
C ILE A 275 21.09 -14.01 -18.01
N SER A 276 22.33 -13.88 -17.56
CA SER A 276 23.49 -14.43 -18.26
C SER A 276 23.46 -15.94 -18.56
N PRO A 277 22.97 -16.79 -17.61
CA PRO A 277 22.81 -18.21 -17.96
C PRO A 277 22.07 -18.48 -19.28
N LEU A 278 21.56 -17.42 -19.90
CA LEU A 278 20.96 -17.51 -21.23
C LEU A 278 21.96 -17.10 -22.32
N GLY A 279 23.01 -16.37 -21.92
CA GLY A 279 24.03 -15.87 -22.85
C GLY A 279 23.47 -14.73 -23.67
N THR A 280 24.09 -14.48 -24.83
CA THR A 280 23.60 -13.48 -25.78
C THR A 280 22.18 -13.82 -26.23
N LEU A 281 21.27 -12.89 -26.01
CA LEU A 281 19.90 -13.04 -26.48
C LEU A 281 19.83 -12.94 -28.01
N PRO A 282 18.73 -13.45 -28.61
CA PRO A 282 18.48 -13.10 -30.01
C PRO A 282 18.32 -11.58 -30.15
N ARG A 283 18.54 -11.07 -31.36
CA ARG A 283 18.56 -9.63 -31.59
C ARG A 283 17.17 -9.01 -31.44
N ASN A 284 16.13 -9.85 -31.52
CA ASN A 284 14.76 -9.37 -31.34
C ASN A 284 14.19 -9.59 -29.93
N VAL A 285 15.07 -9.94 -28.98
CA VAL A 285 14.67 -10.12 -27.57
C VAL A 285 15.51 -9.22 -26.68
N ARG A 286 14.86 -8.32 -25.95
CA ARG A 286 15.56 -7.38 -25.07
C ARG A 286 15.22 -7.73 -23.61
N ALA A 287 16.20 -7.68 -22.73
CA ALA A 287 15.93 -7.90 -21.30
C ALA A 287 15.53 -6.58 -20.66
N VAL A 288 14.59 -6.64 -19.73
CA VAL A 288 14.24 -5.48 -18.91
C VAL A 288 14.32 -5.89 -17.45
N GLY A 289 14.77 -4.96 -16.61
CA GLY A 289 14.77 -5.17 -15.16
C GLY A 289 13.35 -5.20 -14.60
N TRP A 290 13.20 -5.49 -13.31
CA TRP A 290 11.87 -5.78 -12.78
C TRP A 290 10.98 -4.53 -12.71
N THR A 291 9.78 -4.67 -13.26
CA THR A 291 8.67 -3.78 -12.93
C THR A 291 7.47 -4.68 -12.69
N PRO A 292 6.48 -4.16 -11.94
CA PRO A 292 5.22 -4.90 -11.90
C PRO A 292 4.71 -5.28 -13.28
N LEU A 293 4.13 -6.47 -13.37
CA LEU A 293 3.77 -7.03 -14.67
C LEU A 293 2.78 -6.13 -15.41
N HIS A 294 1.85 -5.52 -14.68
CA HIS A 294 0.85 -4.70 -15.37
C HIS A 294 1.54 -3.50 -16.03
N THR A 295 2.60 -2.98 -15.43
CA THR A 295 3.36 -1.91 -15.99
C THR A 295 4.10 -2.36 -17.26
N LEU A 296 4.66 -3.57 -17.24
CA LEU A 296 5.31 -4.12 -18.46
C LEU A 296 4.30 -4.27 -19.59
N LEU A 297 3.13 -4.81 -19.29
CA LEU A 297 2.16 -5.17 -20.33
C LEU A 297 1.44 -3.97 -20.95
N ARG A 298 1.58 -2.80 -20.35
CA ARG A 298 0.95 -1.59 -20.90
C ARG A 298 1.43 -1.40 -22.35
N THR A 299 2.65 -1.86 -22.62
CA THR A 299 3.29 -1.70 -23.94
C THR A 299 3.15 -2.83 -24.98
N CYS A 300 2.41 -3.92 -24.72
CA CYS A 300 2.86 -5.27 -25.08
C CYS A 300 1.65 -5.70 -25.94
N THR A 301 1.90 -6.45 -27.01
CA THR A 301 0.81 -6.95 -27.88
C THR A 301 0.27 -8.35 -27.45
N ALA A 302 1.06 -9.04 -26.66
CA ALA A 302 0.76 -10.43 -26.22
C ALA A 302 1.75 -10.75 -25.13
N VAL A 303 1.50 -11.84 -24.39
CA VAL A 303 2.40 -12.24 -23.31
C VAL A 303 2.57 -13.76 -23.26
N VAL A 304 3.80 -14.20 -23.16
CA VAL A 304 4.09 -15.58 -22.78
C VAL A 304 4.47 -15.63 -21.33
N HIS A 305 3.79 -16.47 -20.55
CA HIS A 305 4.12 -16.58 -19.12
C HIS A 305 4.02 -18.01 -18.64
N HIS A 306 4.31 -18.20 -17.36
CA HIS A 306 4.37 -19.53 -16.79
C HIS A 306 3.28 -19.77 -15.75
N GLY A 307 2.22 -18.96 -15.79
CA GLY A 307 1.07 -19.24 -14.91
C GLY A 307 1.34 -18.84 -13.47
N GLY A 308 2.26 -17.90 -13.26
CA GLY A 308 2.52 -17.38 -11.92
C GLY A 308 1.27 -16.73 -11.33
N GLY A 309 1.31 -16.42 -10.04
CA GLY A 309 0.18 -15.76 -9.40
C GLY A 309 -0.22 -14.49 -10.13
N GLY A 310 -1.51 -14.34 -10.39
CA GLY A 310 -2.06 -13.10 -11.02
C GLY A 310 -1.84 -12.97 -12.52
N THR A 311 -1.09 -13.91 -13.12
CA THR A 311 -0.68 -13.69 -14.53
C THR A 311 -1.82 -13.70 -15.56
N VAL A 312 -2.74 -14.65 -15.41
CA VAL A 312 -3.79 -14.82 -16.38
C VAL A 312 -4.66 -13.55 -16.37
N MET A 313 -4.97 -13.09 -15.16
CA MET A 313 -5.85 -11.93 -15.02
C MET A 313 -5.17 -10.60 -15.34
N THR A 314 -3.85 -10.54 -15.14
CA THR A 314 -3.09 -9.31 -15.41
C THR A 314 -2.99 -9.18 -16.95
N ALA A 315 -2.88 -10.31 -17.65
CA ALA A 315 -2.91 -10.29 -19.13
C ALA A 315 -4.29 -9.83 -19.65
N ILE A 316 -5.35 -10.28 -18.97
CA ILE A 316 -6.71 -9.89 -19.30
C ILE A 316 -6.92 -8.43 -19.05
N ASP A 317 -6.49 -7.95 -17.88
CA ASP A 317 -6.52 -6.51 -17.59
C ASP A 317 -5.80 -5.71 -18.71
N ALA A 318 -4.72 -6.27 -19.25
CA ALA A 318 -3.98 -5.60 -20.34
C ALA A 318 -4.72 -5.74 -21.67
N GLY A 319 -5.67 -6.68 -21.72
CA GLY A 319 -6.54 -6.84 -22.89
C GLY A 319 -5.83 -7.51 -24.05
N ILE A 320 -4.81 -8.32 -23.73
CA ILE A 320 -3.99 -8.94 -24.75
C ILE A 320 -4.02 -10.46 -24.66
N PRO A 321 -3.84 -11.13 -25.80
CA PRO A 321 -3.81 -12.59 -25.81
C PRO A 321 -2.54 -13.11 -25.12
N GLN A 322 -2.68 -14.28 -24.50
CA GLN A 322 -1.61 -14.87 -23.72
C GLN A 322 -1.31 -16.32 -24.12
N LEU A 323 -0.07 -16.76 -23.85
CA LEU A 323 0.28 -18.15 -23.96
C LEU A 323 0.69 -18.60 -22.57
N LEU A 324 -0.10 -19.53 -22.03
CA LEU A 324 0.18 -20.09 -20.73
C LEU A 324 1.09 -21.26 -20.98
N ALA A 325 2.36 -21.08 -20.65
CA ALA A 325 3.37 -22.06 -20.99
C ALA A 325 4.20 -22.45 -19.78
N PRO A 326 3.57 -23.07 -18.76
CA PRO A 326 4.32 -23.39 -17.53
C PRO A 326 5.40 -24.42 -17.74
N ASP A 327 6.33 -24.48 -16.81
CA ASP A 327 7.29 -25.57 -16.80
C ASP A 327 6.50 -26.88 -16.70
N PRO A 328 6.87 -27.89 -17.51
CA PRO A 328 6.16 -29.16 -17.55
C PRO A 328 6.06 -29.84 -16.18
N ARG A 329 6.89 -29.42 -15.23
CA ARG A 329 6.94 -30.03 -13.89
C ARG A 329 5.97 -29.34 -12.92
N ASP A 330 5.38 -28.23 -13.36
CA ASP A 330 4.40 -27.48 -12.55
C ASP A 330 3.11 -28.28 -12.40
N GLN A 331 2.75 -28.54 -11.15
CA GLN A 331 1.61 -29.43 -10.85
C GLN A 331 0.28 -28.71 -10.64
N PHE A 332 0.31 -27.38 -10.68
CA PHE A 332 -0.88 -26.61 -10.33
C PHE A 332 -1.38 -25.71 -11.42
N GLN A 333 -1.36 -26.22 -12.64
CA GLN A 333 -1.76 -25.41 -13.80
C GLN A 333 -2.98 -25.99 -14.51
N HIS A 334 -3.45 -27.15 -14.07
CA HIS A 334 -4.57 -27.82 -14.72
C HIS A 334 -5.80 -26.92 -14.94
N THR A 335 -6.22 -26.22 -13.88
CA THR A 335 -7.46 -25.45 -13.95
C THR A 335 -7.31 -24.16 -14.70
N ALA A 336 -6.12 -23.56 -14.64
CA ALA A 336 -5.87 -22.35 -15.42
C ALA A 336 -5.76 -22.71 -16.92
N ARG A 337 -5.13 -23.82 -17.23
CA ARG A 337 -5.04 -24.28 -18.62
C ARG A 337 -6.44 -24.46 -19.22
N GLU A 338 -7.30 -25.17 -18.52
CA GLU A 338 -8.68 -25.38 -18.98
C GLU A 338 -9.42 -24.05 -19.18
N ALA A 339 -9.28 -23.11 -18.24
CA ALA A 339 -9.95 -21.80 -18.35
C ALA A 339 -9.50 -21.01 -19.61
N VAL A 340 -8.20 -20.96 -19.85
CA VAL A 340 -7.63 -20.22 -21.00
C VAL A 340 -8.08 -20.85 -22.31
N SER A 341 -7.94 -22.18 -22.41
CA SER A 341 -8.39 -22.99 -23.55
C SER A 341 -9.87 -22.87 -23.85
N ARG A 342 -10.69 -23.09 -22.84
CA ARG A 342 -12.14 -23.14 -23.03
C ARG A 342 -12.63 -21.80 -23.58
N ARG A 343 -12.15 -20.71 -22.98
CA ARG A 343 -12.67 -19.39 -23.29
C ARG A 343 -12.03 -18.78 -24.54
N GLY A 344 -10.79 -19.18 -24.84
CA GLY A 344 -10.19 -18.81 -26.11
C GLY A 344 -9.44 -17.50 -26.03
N ILE A 345 -9.13 -17.08 -24.80
CA ILE A 345 -8.36 -15.85 -24.52
C ILE A 345 -6.84 -16.02 -24.70
N GLY A 346 -6.42 -17.24 -24.97
CA GLY A 346 -5.01 -17.53 -25.13
C GLY A 346 -4.77 -18.94 -25.60
N LEU A 347 -3.49 -19.29 -25.64
CA LEU A 347 -3.04 -20.61 -26.02
C LEU A 347 -2.42 -21.27 -24.82
N VAL A 348 -2.43 -22.59 -24.83
CA VAL A 348 -1.81 -23.33 -23.73
C VAL A 348 -0.77 -24.31 -24.21
N SER A 349 0.34 -24.31 -23.52
CA SER A 349 1.38 -25.27 -23.82
C SER A 349 2.15 -25.59 -22.57
N THR A 350 3.34 -26.10 -22.77
CA THR A 350 4.32 -26.22 -21.71
C THR A 350 5.61 -25.60 -22.27
N SER A 351 6.46 -25.08 -21.39
CA SER A 351 7.59 -24.23 -21.82
C SER A 351 8.52 -24.94 -22.79
N ASP A 352 8.66 -26.25 -22.62
CA ASP A 352 9.51 -27.07 -23.46
C ASP A 352 8.91 -27.36 -24.83
N LYS A 353 7.61 -27.06 -25.03
CA LYS A 353 6.96 -27.36 -26.32
C LYS A 353 6.56 -26.14 -27.14
N VAL A 354 6.93 -24.95 -26.68
CA VAL A 354 6.65 -23.73 -27.40
C VAL A 354 7.58 -23.71 -28.60
N ASP A 355 7.00 -23.51 -29.78
CA ASP A 355 7.78 -23.30 -31.00
C ASP A 355 7.41 -21.99 -31.68
N ALA A 356 8.11 -21.65 -32.77
CA ALA A 356 7.89 -20.38 -33.46
C ALA A 356 6.47 -20.28 -34.02
N ASP A 357 5.96 -21.39 -34.58
CA ASP A 357 4.59 -21.39 -35.08
C ASP A 357 3.58 -21.01 -34.00
N LEU A 358 3.74 -21.56 -32.80
CA LEU A 358 2.85 -21.23 -31.67
C LEU A 358 2.95 -19.75 -31.32
N LEU A 359 4.16 -19.21 -31.35
CA LEU A 359 4.30 -17.77 -31.06
C LEU A 359 3.65 -16.91 -32.14
N ARG A 360 3.76 -17.35 -33.39
CA ARG A 360 3.07 -16.68 -34.50
C ARG A 360 1.56 -16.70 -34.35
N ARG A 361 1.00 -17.83 -33.88
CA ARG A 361 -0.44 -17.90 -33.62
C ARG A 361 -0.87 -16.95 -32.50
N LEU A 362 -0.12 -16.96 -31.41
CA LEU A 362 -0.38 -16.06 -30.28
C LEU A 362 -0.55 -14.58 -30.76
N ILE A 363 0.37 -14.18 -31.64
CA ILE A 363 0.47 -12.81 -32.16
C ILE A 363 -0.62 -12.48 -33.17
N GLY A 364 -0.93 -13.46 -34.04
CA GLY A 364 -1.69 -13.21 -35.27
C GLY A 364 -3.12 -13.73 -35.32
N ASP A 365 -3.45 -14.67 -34.44
CA ASP A 365 -4.80 -15.26 -34.38
C ASP A 365 -5.79 -14.23 -33.82
N GLU A 366 -6.65 -13.69 -34.69
CA GLU A 366 -7.54 -12.60 -34.26
C GLU A 366 -8.56 -13.03 -33.20
N SER A 367 -8.97 -14.30 -33.22
CA SER A 367 -9.90 -14.82 -32.22
C SER A 367 -9.37 -14.70 -30.79
N LEU A 368 -8.06 -14.95 -30.59
CA LEU A 368 -7.46 -14.84 -29.26
C LEU A 368 -7.60 -13.41 -28.77
N ARG A 369 -7.44 -12.47 -29.71
CA ARG A 369 -7.38 -11.05 -29.38
C ARG A 369 -8.80 -10.53 -29.10
N THR A 370 -9.76 -11.00 -29.89
CA THR A 370 -11.16 -10.73 -29.66
C THR A 370 -11.62 -11.26 -28.29
N ALA A 371 -11.27 -12.50 -28.00
CA ALA A 371 -11.66 -13.10 -26.70
C ALA A 371 -11.06 -12.32 -25.54
N ALA A 372 -9.77 -11.95 -25.65
CA ALA A 372 -9.13 -11.19 -24.57
C ALA A 372 -9.78 -9.82 -24.35
N ARG A 373 -10.13 -9.13 -25.44
CA ARG A 373 -10.83 -7.84 -25.37
CA ARG A 373 -10.79 -7.82 -25.30
C ARG A 373 -12.18 -7.99 -24.66
N GLU A 374 -12.92 -9.01 -25.08
CA GLU A 374 -14.26 -9.27 -24.54
C GLU A 374 -14.20 -9.62 -23.05
N VAL A 375 -13.24 -10.45 -22.69
CA VAL A 375 -13.11 -10.84 -21.27
C VAL A 375 -12.60 -9.66 -20.44
N ARG A 376 -11.74 -8.83 -21.03
CA ARG A 376 -11.37 -7.58 -20.38
C ARG A 376 -12.62 -6.70 -20.13
N GLU A 377 -13.45 -6.54 -21.15
CA GLU A 377 -14.69 -5.76 -20.96
C GLU A 377 -15.62 -6.32 -19.87
N GLU A 378 -15.81 -7.64 -19.88
CA GLU A 378 -16.52 -8.39 -18.83
C GLU A 378 -15.93 -8.09 -17.45
N MET A 379 -14.61 -8.20 -17.34
CA MET A 379 -13.95 -8.07 -16.05
C MET A 379 -14.05 -6.63 -15.54
N VAL A 380 -13.84 -5.66 -16.42
CA VAL A 380 -13.89 -4.25 -16.07
C VAL A 380 -15.30 -3.81 -15.65
N ALA A 381 -16.32 -4.40 -16.24
CA ALA A 381 -17.70 -4.11 -15.85
C ALA A 381 -18.05 -4.62 -14.44
N LEU A 382 -17.23 -5.49 -13.87
CA LEU A 382 -17.46 -6.00 -12.50
C LEU A 382 -17.17 -4.93 -11.44
N PRO A 383 -17.77 -5.07 -10.26
CA PRO A 383 -17.50 -4.13 -9.17
C PRO A 383 -15.97 -4.02 -8.90
N THR A 384 -15.48 -2.81 -8.62
CA THR A 384 -14.10 -2.63 -8.20
C THR A 384 -13.94 -3.18 -6.78
N PRO A 385 -12.69 -3.34 -6.31
CA PRO A 385 -12.40 -3.61 -4.90
C PRO A 385 -13.08 -2.60 -3.99
N ALA A 386 -13.02 -1.31 -4.35
CA ALA A 386 -13.66 -0.26 -3.57
C ALA A 386 -15.16 -0.58 -3.40
N GLU A 387 -15.82 -0.85 -4.52
CA GLU A 387 -17.25 -1.16 -4.52
C GLU A 387 -17.57 -2.45 -3.81
N THR A 388 -16.67 -3.43 -3.97
CA THR A 388 -16.84 -4.74 -3.33
C THR A 388 -16.76 -4.60 -1.80
N VAL A 389 -15.82 -3.77 -1.32
CA VAL A 389 -15.75 -3.48 0.12
C VAL A 389 -17.05 -2.81 0.57
N ARG A 390 -17.55 -1.86 -0.20
CA ARG A 390 -18.79 -1.20 0.16
C ARG A 390 -19.96 -2.22 0.25
N ARG A 391 -20.00 -3.18 -0.68
CA ARG A 391 -21.04 -4.19 -0.64
C ARG A 391 -20.88 -5.18 0.53
N ILE A 392 -19.65 -5.49 0.92
CA ILE A 392 -19.42 -6.39 2.04
C ILE A 392 -19.95 -5.73 3.31
N VAL A 393 -19.58 -4.47 3.53
CA VAL A 393 -20.01 -3.76 4.72
C VAL A 393 -21.51 -3.67 4.72
N GLU A 394 -22.06 -3.32 3.56
CA GLU A 394 -23.50 -3.11 3.34
C GLU A 394 -24.30 -4.40 3.57
N ARG A 395 -23.84 -5.49 2.97
CA ARG A 395 -24.66 -6.69 2.79
C ARG A 395 -24.31 -7.80 3.77
N ILE A 396 -23.07 -7.75 4.28
CA ILE A 396 -22.58 -8.77 5.19
C ILE A 396 -22.47 -8.26 6.61
N SER A 397 -21.65 -7.24 6.82
CA SER A 397 -21.34 -6.76 8.16
C SER A 397 -22.38 -5.78 8.72
N ILE B 16 -21.02 2.20 -14.52
CA ILE B 16 -21.71 2.79 -13.34
C ILE B 16 -20.70 3.46 -12.41
N GLU B 17 -19.49 2.88 -12.34
CA GLU B 17 -18.37 3.49 -11.63
C GLU B 17 -17.59 4.47 -12.54
N GLY B 18 -18.00 4.59 -13.80
CA GLY B 18 -17.45 5.59 -14.71
C GLY B 18 -16.11 5.20 -15.33
N ARG B 19 -15.49 6.13 -16.05
CA ARG B 19 -14.31 5.82 -16.85
C ARG B 19 -13.05 5.54 -16.03
N HIS B 20 -12.11 4.84 -16.66
CA HIS B 20 -10.81 4.57 -16.08
C HIS B 20 -9.93 5.83 -16.16
N MET B 21 -9.25 6.16 -15.07
CA MET B 21 -8.35 7.29 -15.02
C MET B 21 -6.91 6.94 -14.72
N ARG B 22 -6.03 7.82 -15.15
CA ARG B 22 -4.63 7.80 -14.67
C ARG B 22 -4.40 9.01 -13.77
N VAL B 23 -3.98 8.75 -12.54
CA VAL B 23 -3.77 9.79 -11.57
C VAL B 23 -2.29 9.85 -11.23
N LEU B 24 -1.74 11.06 -11.25
CA LEU B 24 -0.35 11.29 -10.86
C LEU B 24 -0.36 12.02 -9.53
N PHE B 25 0.39 11.46 -8.57
CA PHE B 25 0.53 12.10 -7.26
C PHE B 25 1.89 12.75 -7.23
N VAL B 26 1.97 13.96 -6.67
CA VAL B 26 3.28 14.67 -6.66
C VAL B 26 3.62 15.09 -5.23
N SER B 27 4.77 14.65 -4.73
CA SER B 27 5.20 15.04 -3.40
C SER B 27 6.59 15.67 -3.43
N SER B 28 6.72 16.90 -2.92
CA SER B 28 8.04 17.56 -2.90
C SER B 28 8.75 17.19 -1.60
N PRO B 29 10.09 17.25 -1.61
CA PRO B 29 10.75 16.93 -0.36
C PRO B 29 10.26 17.83 0.77
N GLY B 30 10.14 17.26 1.96
CA GLY B 30 9.79 17.99 3.17
C GLY B 30 9.15 17.09 4.21
N ILE B 31 9.17 17.52 5.48
CA ILE B 31 8.61 16.70 6.55
C ILE B 31 7.09 16.61 6.46
N GLY B 32 6.60 15.36 6.47
CA GLY B 32 5.16 15.11 6.46
C GLY B 32 4.50 15.24 5.12
N HIS B 33 5.25 15.43 4.03
CA HIS B 33 4.65 15.71 2.72
C HIS B 33 3.98 14.50 2.07
N LEU B 34 4.63 13.36 2.18
CA LEU B 34 4.24 12.19 1.38
C LEU B 34 3.07 11.36 1.98
N PHE B 35 3.19 11.01 3.26
CA PHE B 35 2.26 10.09 3.90
C PHE B 35 0.78 10.53 3.80
N PRO B 36 0.47 11.84 3.93
CA PRO B 36 -0.93 12.24 3.73
C PRO B 36 -1.53 11.98 2.33
N LEU B 37 -0.70 11.59 1.37
CA LEU B 37 -1.18 11.28 0.02
C LEU B 37 -1.60 9.81 -0.13
N ILE B 38 -1.13 8.97 0.78
CA ILE B 38 -1.20 7.51 0.62
C ILE B 38 -2.66 6.97 0.60
N GLN B 39 -3.50 7.38 1.54
CA GLN B 39 -4.90 6.90 1.52
C GLN B 39 -5.60 7.26 0.18
N LEU B 40 -5.32 8.46 -0.34
CA LEU B 40 -5.94 8.89 -1.60
C LEU B 40 -5.41 8.03 -2.73
N ALA B 41 -4.09 7.74 -2.71
CA ALA B 41 -3.49 6.92 -3.75
C ALA B 41 -4.08 5.52 -3.74
N TRP B 42 -4.12 4.86 -2.57
CA TRP B 42 -4.80 3.54 -2.42
C TRP B 42 -6.30 3.63 -2.86
N GLY B 43 -6.94 4.72 -2.47
CA GLY B 43 -8.34 4.99 -2.80
C GLY B 43 -8.58 4.96 -4.29
N PHE B 44 -7.75 5.69 -5.04
CA PHE B 44 -7.83 5.64 -6.52
C PHE B 44 -7.51 4.26 -7.06
N ARG B 45 -6.47 3.61 -6.50
CA ARG B 45 -6.09 2.32 -7.03
C ARG B 45 -7.19 1.25 -6.80
N THR B 46 -7.71 1.20 -5.58
CA THR B 46 -8.79 0.22 -5.33
C THR B 46 -10.09 0.51 -6.11
N ALA B 47 -10.26 1.75 -6.55
CA ALA B 47 -11.37 2.12 -7.44
C ALA B 47 -11.04 1.82 -8.91
N GLY B 48 -9.93 1.12 -9.13
CA GLY B 48 -9.58 0.61 -10.45
C GLY B 48 -8.70 1.48 -11.31
N HIS B 49 -8.27 2.64 -10.81
CA HIS B 49 -7.59 3.64 -11.64
C HIS B 49 -6.10 3.40 -11.57
N ASP B 50 -5.36 3.89 -12.56
CA ASP B 50 -3.91 3.83 -12.52
C ASP B 50 -3.43 4.99 -11.64
N VAL B 51 -2.41 4.67 -10.88
CA VAL B 51 -1.80 5.56 -9.89
C VAL B 51 -0.29 5.53 -10.04
N LEU B 52 0.32 6.72 -10.02
CA LEU B 52 1.77 6.80 -10.05
C LEU B 52 2.15 7.94 -9.10
N ILE B 53 3.23 7.78 -8.36
CA ILE B 53 3.69 8.85 -7.43
C ILE B 53 4.99 9.42 -8.00
N ALA B 54 5.12 10.76 -8.05
CA ALA B 54 6.40 11.41 -8.39
C ALA B 54 6.97 12.02 -7.10
N VAL B 55 8.22 11.67 -6.77
CA VAL B 55 8.95 12.21 -5.60
C VAL B 55 10.39 12.59 -6.00
N ALA B 56 11.11 13.24 -5.11
CA ALA B 56 12.48 13.67 -5.38
C ALA B 56 13.49 13.04 -4.45
N GLU B 57 12.98 12.40 -3.38
CA GLU B 57 13.80 11.85 -2.29
C GLU B 57 13.02 10.68 -1.69
N HIS B 58 13.72 9.65 -1.19
CA HIS B 58 13.07 8.56 -0.45
C HIS B 58 11.97 7.84 -1.26
N ALA B 59 12.26 7.51 -2.51
CA ALA B 59 11.22 6.88 -3.37
C ALA B 59 10.86 5.50 -2.77
N ASP B 60 11.82 4.94 -2.05
CA ASP B 60 11.64 3.69 -1.35
C ASP B 60 10.41 3.72 -0.41
N ARG B 61 10.22 4.82 0.30
CA ARG B 61 9.06 5.01 1.18
C ARG B 61 7.72 4.87 0.45
N ALA B 62 7.61 5.47 -0.73
CA ALA B 62 6.39 5.36 -1.53
C ALA B 62 6.17 3.93 -2.04
N ALA B 63 7.27 3.27 -2.41
CA ALA B 63 7.19 1.87 -2.91
C ALA B 63 6.86 0.91 -1.77
N ALA B 64 7.26 1.25 -0.55
CA ALA B 64 6.88 0.45 0.65
C ALA B 64 5.40 0.62 1.05
N ALA B 65 4.68 1.52 0.38
CA ALA B 65 3.20 1.62 0.48
C ALA B 65 2.51 0.80 -0.64
N GLY B 66 3.30 0.00 -1.34
CA GLY B 66 2.78 -0.77 -2.48
C GLY B 66 2.49 0.01 -3.75
N LEU B 67 3.11 1.18 -3.91
CA LEU B 67 2.87 2.05 -5.04
C LEU B 67 4.04 2.07 -6.04
N GLU B 68 3.73 2.46 -7.26
CA GLU B 68 4.78 2.66 -8.27
C GLU B 68 5.23 4.10 -8.24
N VAL B 69 6.54 4.26 -8.25
CA VAL B 69 7.10 5.60 -8.01
C VAL B 69 8.13 5.94 -9.06
N VAL B 70 8.14 7.21 -9.46
CA VAL B 70 9.24 7.74 -10.28
C VAL B 70 9.94 8.80 -9.46
N ASP B 71 11.27 8.73 -9.43
CA ASP B 71 12.07 9.76 -8.76
C ASP B 71 12.39 10.80 -9.81
N VAL B 72 11.67 11.91 -9.77
CA VAL B 72 11.78 12.91 -10.84
C VAL B 72 12.94 13.89 -10.68
N ALA B 73 13.75 13.72 -9.63
CA ALA B 73 14.87 14.64 -9.39
C ALA B 73 16.10 13.86 -8.97
N PRO B 74 16.73 13.15 -9.92
CA PRO B 74 17.89 12.32 -9.60
C PRO B 74 19.03 13.13 -8.95
N ASP B 75 19.09 14.43 -9.22
CA ASP B 75 20.11 15.29 -8.62
C ASP B 75 19.58 16.31 -7.59
N TYR B 76 18.48 15.95 -6.91
CA TYR B 76 17.99 16.73 -5.77
C TYR B 76 18.99 16.62 -4.62
N SER B 77 19.30 17.75 -3.99
CA SER B 77 20.04 17.71 -2.72
C SER B 77 19.79 18.99 -1.94
N ALA B 78 19.75 18.88 -0.62
CA ALA B 78 19.68 20.03 0.29
C ALA B 78 20.75 21.05 -0.02
N VAL B 79 21.99 20.59 -0.21
CA VAL B 79 23.14 21.48 -0.50
C VAL B 79 22.87 22.33 -1.76
N LYS B 80 22.34 21.70 -2.80
CA LYS B 80 21.93 22.41 -4.02
C LYS B 80 20.74 23.37 -3.82
N VAL B 81 19.78 22.98 -2.98
CA VAL B 81 18.64 23.86 -2.63
C VAL B 81 19.19 25.18 -2.02
N PHE B 82 20.09 25.05 -1.06
CA PHE B 82 20.60 26.20 -0.31
C PHE B 82 21.44 27.13 -1.18
N GLU B 83 22.12 26.56 -2.18
CA GLU B 83 22.84 27.32 -3.20
C GLU B 83 21.91 28.11 -4.11
N GLN B 84 20.83 27.48 -4.55
CA GLN B 84 19.78 28.17 -5.30
C GLN B 84 19.20 29.36 -4.48
N VAL B 85 18.89 29.12 -3.21
CA VAL B 85 18.32 30.16 -2.37
C VAL B 85 19.31 31.34 -2.24
N ALA B 86 20.60 31.03 -2.05
CA ALA B 86 21.66 32.06 -2.04
C ALA B 86 21.78 32.87 -3.33
N LYS B 87 21.60 32.22 -4.48
CA LYS B 87 21.62 32.91 -5.76
C LYS B 87 20.39 33.84 -5.91
N ASP B 88 19.26 33.42 -5.36
CA ASP B 88 17.97 34.14 -5.52
C ASP B 88 17.69 35.18 -4.43
N ASN B 89 18.09 34.86 -3.20
CA ASN B 89 18.01 35.80 -2.09
C ASN B 89 19.16 35.52 -1.14
N PRO B 90 20.28 36.25 -1.33
CA PRO B 90 21.50 36.01 -0.56
C PRO B 90 21.30 36.23 0.95
N ARG B 91 20.22 36.89 1.31
CA ARG B 91 19.93 37.23 2.69
C ARG B 91 18.97 36.29 3.40
N PHE B 92 18.39 35.34 2.66
CA PHE B 92 17.32 34.53 3.22
C PHE B 92 17.81 33.69 4.40
N ALA B 93 18.99 33.08 4.23
CA ALA B 93 19.54 32.11 5.17
C ALA B 93 19.71 32.68 6.56
N GLU B 94 20.17 33.93 6.62
CA GLU B 94 20.48 34.61 7.87
C GLU B 94 19.44 35.66 8.22
N THR B 95 18.26 35.57 7.62
CA THR B 95 17.10 36.38 8.04
C THR B 95 15.90 35.48 8.25
N VAL B 96 15.10 35.28 7.20
CA VAL B 96 13.85 34.50 7.26
C VAL B 96 14.05 33.04 7.76
N ALA B 97 15.14 32.40 7.33
CA ALA B 97 15.38 31.00 7.63
C ALA B 97 15.77 30.77 9.08
N THR B 98 16.14 31.85 9.76
CA THR B 98 16.64 31.80 11.14
C THR B 98 15.58 32.19 12.17
N ARG B 99 14.32 32.29 11.74
CA ARG B 99 13.26 32.72 12.66
C ARG B 99 11.98 31.97 12.42
N PRO B 100 11.05 32.02 13.40
CA PRO B 100 9.82 31.24 13.22
C PRO B 100 9.03 31.74 12.01
N ALA B 101 8.22 30.87 11.45
CA ALA B 101 7.45 31.18 10.24
C ALA B 101 6.00 31.47 10.59
N ILE B 102 5.44 32.50 9.96
CA ILE B 102 4.06 32.88 10.17
C ILE B 102 3.22 32.47 8.95
N ASP B 103 3.83 32.50 7.76
CA ASP B 103 3.13 32.30 6.51
C ASP B 103 4.05 31.52 5.58
N LEU B 104 3.54 30.45 4.95
CA LEU B 104 4.38 29.68 4.02
C LEU B 104 4.94 30.55 2.87
N GLU B 105 4.15 31.52 2.41
CA GLU B 105 4.53 32.39 1.27
C GLU B 105 5.87 33.10 1.53
N GLU B 106 6.17 33.40 2.79
CA GLU B 106 7.46 34.05 3.16
C GLU B 106 8.66 33.21 2.77
N TRP B 107 8.43 31.90 2.71
CA TRP B 107 9.43 30.89 2.40
C TRP B 107 9.39 30.57 0.91
N GLY B 108 8.64 31.36 0.14
CA GLY B 108 8.52 31.13 -1.31
C GLY B 108 9.82 30.84 -2.06
N VAL B 109 10.87 31.63 -1.79
CA VAL B 109 12.17 31.45 -2.45
C VAL B 109 12.81 30.07 -2.19
N GLN B 110 12.65 29.56 -0.97
CA GLN B 110 13.19 28.27 -0.58
C GLN B 110 12.30 27.15 -1.08
N ILE B 111 10.97 27.31 -0.98
CA ILE B 111 10.10 26.27 -1.51
C ILE B 111 10.33 26.16 -3.01
N ALA B 112 10.59 27.28 -3.67
CA ALA B 112 10.88 27.24 -5.11
C ALA B 112 12.15 26.48 -5.39
N ALA B 113 13.16 26.65 -4.55
CA ALA B 113 14.44 25.96 -4.73
C ALA B 113 14.29 24.45 -4.54
N VAL B 114 13.44 24.06 -3.59
CA VAL B 114 13.03 22.66 -3.42
C VAL B 114 12.28 22.11 -4.65
N ASN B 115 11.34 22.86 -5.20
CA ASN B 115 10.59 22.41 -6.37
C ASN B 115 11.37 22.40 -7.68
N ARG B 116 12.30 23.34 -7.82
CA ARG B 116 13.14 23.48 -9.05
C ARG B 116 13.73 22.13 -9.63
N PRO B 117 14.41 21.31 -8.79
CA PRO B 117 15.03 20.09 -9.31
C PRO B 117 14.05 19.04 -9.80
N LEU B 118 12.77 19.19 -9.45
CA LEU B 118 11.73 18.23 -9.85
C LEU B 118 11.06 18.57 -11.17
N VAL B 119 11.23 19.81 -11.65
CA VAL B 119 10.41 20.34 -12.74
C VAL B 119 10.60 19.59 -14.06
N ASP B 120 11.84 19.45 -14.51
CA ASP B 120 12.11 18.85 -15.82
C ASP B 120 11.64 17.39 -15.87
N GLY B 121 11.92 16.66 -14.80
CA GLY B 121 11.57 15.25 -14.74
C GLY B 121 10.08 15.05 -14.64
N THR B 122 9.43 15.94 -13.91
CA THR B 122 7.99 15.87 -13.79
C THR B 122 7.31 16.23 -15.14
N MET B 123 7.84 17.20 -15.87
CA MET B 123 7.24 17.56 -17.18
C MET B 123 7.35 16.38 -18.14
N ALA B 124 8.52 15.75 -18.17
CA ALA B 124 8.71 14.56 -19.00
C ALA B 124 7.77 13.41 -18.61
N LEU B 125 7.54 13.27 -17.30
CA LEU B 125 6.70 12.23 -16.78
C LEU B 125 5.25 12.45 -17.20
N VAL B 126 4.79 13.69 -17.07
CA VAL B 126 3.43 14.08 -17.50
C VAL B 126 3.20 13.79 -18.99
N ASP B 127 4.17 14.17 -19.81
CA ASP B 127 4.13 13.90 -21.25
C ASP B 127 4.00 12.40 -21.56
N ASP B 128 4.73 11.57 -20.82
CA ASP B 128 4.69 10.11 -21.00
C ASP B 128 3.44 9.43 -20.44
N TYR B 129 3.07 9.83 -19.23
CA TYR B 129 2.05 9.15 -18.46
C TYR B 129 0.66 9.62 -18.82
N ARG B 130 0.58 10.87 -19.26
CA ARG B 130 -0.71 11.52 -19.60
C ARG B 130 -1.78 11.33 -18.52
N PRO B 131 -1.58 11.96 -17.36
CA PRO B 131 -2.54 11.79 -16.28
C PRO B 131 -3.85 12.55 -16.58
N ASP B 132 -4.97 12.06 -16.04
CA ASP B 132 -6.25 12.78 -16.07
C ASP B 132 -6.40 13.70 -14.88
N LEU B 133 -5.53 13.55 -13.90
CA LEU B 133 -5.65 14.25 -12.62
C LEU B 133 -4.29 14.35 -12.00
N VAL B 134 -3.98 15.51 -11.43
CA VAL B 134 -2.79 15.61 -10.60
C VAL B 134 -3.23 15.89 -9.17
N VAL B 135 -2.81 15.03 -8.24
CA VAL B 135 -2.97 15.28 -6.81
C VAL B 135 -1.59 15.63 -6.26
N TYR B 136 -1.46 16.80 -5.63
CA TYR B 136 -0.13 17.23 -5.14
C TYR B 136 -0.25 17.72 -3.71
N GLU B 137 0.78 17.44 -2.90
CA GLU B 137 0.80 18.00 -1.55
C GLU B 137 1.05 19.54 -1.63
N GLN B 138 0.59 20.24 -0.61
CA GLN B 138 0.57 21.71 -0.60
C GLN B 138 1.89 22.40 -1.00
N GLY B 139 3.02 21.87 -0.61
CA GLY B 139 4.30 22.55 -0.95
C GLY B 139 4.83 22.25 -2.35
N ALA B 140 4.15 21.38 -3.10
CA ALA B 140 4.64 20.94 -4.40
C ALA B 140 4.02 21.74 -5.56
N THR B 141 4.45 22.99 -5.71
CA THR B 141 3.93 23.84 -6.79
C THR B 141 4.20 23.19 -8.14
N VAL B 142 5.27 22.38 -8.22
CA VAL B 142 5.55 21.63 -9.46
C VAL B 142 4.34 20.79 -9.89
N GLY B 143 3.55 20.31 -8.92
CA GLY B 143 2.32 19.58 -9.21
C GLY B 143 1.31 20.43 -10.00
N LEU B 144 1.19 21.71 -9.65
CA LEU B 144 0.33 22.61 -10.42
C LEU B 144 0.88 22.84 -11.82
N LEU B 145 2.18 23.03 -11.90
CA LEU B 145 2.79 23.20 -13.22
C LEU B 145 2.57 21.96 -14.09
N ALA B 146 2.69 20.78 -13.47
CA ALA B 146 2.48 19.49 -14.16
C ALA B 146 1.05 19.37 -14.68
N ALA B 147 0.09 19.74 -13.84
CA ALA B 147 -1.32 19.74 -14.24
C ALA B 147 -1.55 20.65 -15.45
N ASP B 148 -0.93 21.82 -15.43
CA ASP B 148 -1.06 22.74 -16.56
C ASP B 148 -0.43 22.17 -17.82
N ARG B 149 0.75 21.57 -17.66
CA ARG B 149 1.40 20.88 -18.80
C ARG B 149 0.44 19.86 -19.44
N ALA B 150 -0.24 19.07 -18.61
CA ALA B 150 -1.14 18.03 -19.10
C ALA B 150 -2.49 18.63 -19.51
N GLY B 151 -2.82 19.81 -19.02
CA GLY B 151 -4.12 20.44 -19.26
C GLY B 151 -5.23 19.71 -18.53
N VAL B 152 -4.99 19.31 -17.28
CA VAL B 152 -5.94 18.55 -16.50
C VAL B 152 -6.10 19.25 -15.15
N PRO B 153 -7.16 18.89 -14.38
CA PRO B 153 -7.32 19.45 -13.03
C PRO B 153 -6.24 19.02 -12.01
N ALA B 154 -5.91 19.92 -11.08
CA ALA B 154 -5.03 19.59 -9.95
C ALA B 154 -5.85 19.68 -8.66
N VAL B 155 -5.60 18.74 -7.76
CA VAL B 155 -6.21 18.71 -6.44
C VAL B 155 -5.07 18.79 -5.43
N GLN B 156 -5.14 19.78 -4.55
CA GLN B 156 -4.15 19.95 -3.51
C GLN B 156 -4.51 19.14 -2.25
N ARG B 157 -3.48 18.65 -1.55
CA ARG B 157 -3.65 17.94 -0.27
C ARG B 157 -2.86 18.70 0.80
N ASN B 158 -3.59 19.22 1.79
CA ASN B 158 -2.98 19.87 2.95
C ASN B 158 -2.70 18.85 4.06
N GLN B 159 -1.58 19.03 4.76
CA GLN B 159 -1.22 18.10 5.84
C GLN B 159 -1.47 18.66 7.21
N SER B 160 -1.75 19.97 7.29
CA SER B 160 -1.78 20.64 8.57
C SER B 160 -2.69 21.89 8.51
N ALA B 161 -2.50 22.81 9.44
CA ALA B 161 -3.31 24.04 9.52
C ALA B 161 -2.80 25.20 8.66
N TRP B 162 -1.64 25.05 7.99
CA TRP B 162 -1.11 26.14 7.14
C TRP B 162 -2.07 26.48 6.03
N ARG B 163 -2.37 27.77 5.88
CA ARG B 163 -3.18 28.24 4.74
C ARG B 163 -2.28 28.52 3.56
N THR B 164 -2.74 28.16 2.37
CA THR B 164 -1.99 28.33 1.14
C THR B 164 -1.80 29.82 0.76
N ARG B 165 -2.87 30.61 0.92
CA ARG B 165 -2.85 32.03 0.55
C ARG B 165 -2.16 32.21 -0.81
N GLY B 166 -1.22 33.12 -0.92
CA GLY B 166 -0.58 33.38 -2.23
C GLY B 166 0.76 32.71 -2.48
N MET B 167 1.02 31.63 -1.75
CA MET B 167 2.33 31.00 -1.80
C MET B 167 2.71 30.52 -3.19
N HIS B 168 1.77 29.96 -3.95
CA HIS B 168 2.14 29.41 -5.24
C HIS B 168 2.58 30.46 -6.26
N ARG B 169 1.88 31.60 -6.31
CA ARG B 169 2.38 32.73 -7.11
C ARG B 169 3.81 33.13 -6.76
N SER B 170 4.10 33.24 -5.46
CA SER B 170 5.44 33.61 -5.01
C SER B 170 6.49 32.59 -5.37
N ILE B 171 6.15 31.33 -5.14
CA ILE B 171 7.01 30.21 -5.51
C ILE B 171 7.26 30.21 -7.02
N ALA B 172 6.18 30.33 -7.80
CA ALA B 172 6.28 30.30 -9.27
C ALA B 172 7.08 31.50 -9.83
N SER B 173 7.08 32.61 -9.09
CA SER B 173 7.87 33.79 -9.46
C SER B 173 9.39 33.51 -9.51
N PHE B 174 9.83 32.47 -8.81
CA PHE B 174 11.21 32.01 -8.82
C PHE B 174 11.48 30.89 -9.83
N LEU B 175 10.46 30.52 -10.60
CA LEU B 175 10.54 29.42 -11.57
C LEU B 175 10.21 29.86 -13.01
N THR B 176 10.21 31.17 -13.26
CA THR B 176 9.78 31.69 -14.56
CA THR B 176 9.83 31.74 -14.57
C THR B 176 10.59 31.09 -15.71
N ASP B 177 11.91 30.95 -15.54
CA ASP B 177 12.74 30.32 -16.57
C ASP B 177 12.19 28.94 -16.99
N LEU B 178 11.84 28.13 -16.00
CA LEU B 178 11.39 26.77 -16.24
C LEU B 178 9.96 26.74 -16.80
N MET B 179 9.15 27.70 -16.39
CA MET B 179 7.77 27.80 -16.90
C MET B 179 7.77 28.18 -18.38
N ASP B 180 8.64 29.13 -18.72
CA ASP B 180 8.96 29.49 -20.12
C ASP B 180 9.41 28.31 -20.95
N LYS B 181 10.36 27.55 -20.40
CA LYS B 181 10.98 26.43 -21.09
C LYS B 181 9.92 25.42 -21.48
N HIS B 182 9.01 25.17 -20.53
CA HIS B 182 8.02 24.09 -20.58
C HIS B 182 6.65 24.57 -21.03
N GLN B 183 6.52 25.88 -21.28
CA GLN B 183 5.28 26.49 -21.81
C GLN B 183 4.10 26.27 -20.89
N VAL B 184 4.33 26.51 -19.59
CA VAL B 184 3.33 26.29 -18.55
C VAL B 184 3.02 27.57 -17.81
N SER B 185 1.77 27.68 -17.40
CA SER B 185 1.29 28.76 -16.58
C SER B 185 0.88 28.14 -15.26
N LEU B 186 0.71 28.98 -14.25
CA LEU B 186 0.32 28.48 -12.93
C LEU B 186 -1.19 28.45 -12.77
N PRO B 187 -1.77 27.24 -12.70
CA PRO B 187 -3.23 27.21 -12.51
C PRO B 187 -3.58 27.19 -11.01
N GLU B 188 -4.87 27.24 -10.69
CA GLU B 188 -5.35 27.05 -9.32
C GLU B 188 -5.87 25.63 -9.21
N PRO B 189 -5.75 24.99 -8.02
CA PRO B 189 -6.33 23.67 -7.83
C PRO B 189 -7.85 23.76 -7.89
N VAL B 190 -8.53 22.68 -8.29
CA VAL B 190 -10.00 22.69 -8.34
C VAL B 190 -10.57 22.38 -6.97
N ALA B 191 -9.73 21.82 -6.11
CA ALA B 191 -10.13 21.49 -4.75
C ALA B 191 -8.88 21.32 -3.90
N THR B 192 -9.01 21.58 -2.60
CA THR B 192 -7.92 21.42 -1.66
C THR B 192 -8.45 20.58 -0.52
N ILE B 193 -7.85 19.40 -0.30
CA ILE B 193 -8.32 18.46 0.72
C ILE B 193 -7.55 18.73 2.01
N GLU B 194 -8.30 19.17 3.02
CA GLU B 194 -7.80 19.44 4.36
C GLU B 194 -7.50 18.13 5.11
N SER B 195 -6.48 18.16 5.97
CA SER B 195 -6.26 17.09 6.96
C SER B 195 -7.02 17.36 8.26
N PHE B 196 -7.13 18.65 8.62
CA PHE B 196 -7.75 19.08 9.88
C PHE B 196 -9.26 19.26 9.66
N PRO B 197 -10.11 18.91 10.64
CA PRO B 197 -11.54 19.15 10.52
C PRO B 197 -11.85 20.63 10.60
N PRO B 198 -13.06 21.06 10.16
CA PRO B 198 -13.44 22.47 10.20
C PRO B 198 -13.19 23.21 11.52
N SER B 199 -13.51 22.59 12.66
CA SER B 199 -13.44 23.29 13.94
C SER B 199 -12.01 23.56 14.39
N LEU B 200 -11.05 22.90 13.75
CA LEU B 200 -9.62 23.15 13.97
C LEU B 200 -9.07 24.32 13.18
N LEU B 201 -9.84 24.84 12.21
CA LEU B 201 -9.36 25.85 11.29
C LEU B 201 -10.22 27.10 11.44
N LEU B 202 -9.60 28.27 11.46
CA LEU B 202 -10.35 29.52 11.52
C LEU B 202 -10.62 30.04 10.13
N GLU B 203 -9.68 29.75 9.23
CA GLU B 203 -9.75 30.31 7.91
C GLU B 203 -9.85 29.18 6.89
N ALA B 204 -10.69 29.42 5.87
CA ALA B 204 -10.96 28.41 4.85
C ALA B 204 -9.96 28.53 3.68
N GLU B 205 -9.73 27.39 3.03
CA GLU B 205 -9.02 27.36 1.75
C GLU B 205 -10.06 27.62 0.68
N PRO B 206 -9.66 28.24 -0.45
CA PRO B 206 -10.68 28.32 -1.50
C PRO B 206 -10.94 26.88 -1.92
N GLU B 207 -12.19 26.54 -2.20
CA GLU B 207 -12.56 25.16 -2.61
C GLU B 207 -12.03 24.11 -1.63
N GLY B 208 -12.13 24.40 -0.35
CA GLY B 208 -11.65 23.50 0.69
C GLY B 208 -12.59 22.32 0.85
N TRP B 209 -12.04 21.10 0.80
CA TRP B 209 -12.83 19.92 1.09
C TRP B 209 -12.32 19.27 2.37
N PHE B 210 -13.22 18.63 3.11
CA PHE B 210 -12.83 17.97 4.32
C PHE B 210 -12.92 16.46 4.17
N MET B 211 -12.00 15.75 4.79
CA MET B 211 -11.91 14.31 4.64
C MET B 211 -11.46 13.75 5.95
N ARG B 212 -12.00 12.59 6.30
CA ARG B 212 -11.58 11.84 7.45
C ARG B 212 -10.10 11.56 7.35
N TRP B 213 -9.42 11.74 8.48
CA TRP B 213 -8.02 11.38 8.59
C TRP B 213 -7.92 9.90 8.95
N VAL B 214 -7.35 9.10 8.06
CA VAL B 214 -7.13 7.68 8.34
C VAL B 214 -5.61 7.51 8.42
N PRO B 215 -5.09 7.26 9.64
CA PRO B 215 -3.64 7.27 9.84
C PRO B 215 -2.87 6.29 8.93
N TYR B 216 -1.73 6.75 8.42
CA TYR B 216 -0.78 5.95 7.64
C TYR B 216 0.59 6.40 8.11
N GLY B 217 1.35 5.45 8.68
CA GLY B 217 2.73 5.72 9.07
C GLY B 217 3.69 4.69 8.55
N GLY B 218 3.29 3.98 7.49
CA GLY B 218 4.10 2.87 6.99
C GLY B 218 3.55 1.52 7.41
N GLY B 219 3.83 0.50 6.61
CA GLY B 219 3.49 -0.89 6.95
C GLY B 219 4.45 -1.34 8.03
N ALA B 220 4.15 -2.47 8.67
CA ALA B 220 4.97 -2.95 9.74
C ALA B 220 4.63 -4.40 10.04
N VAL B 221 5.66 -5.20 10.24
CA VAL B 221 5.54 -6.52 10.88
C VAL B 221 5.59 -6.21 12.38
N LEU B 222 4.44 -6.30 13.04
CA LEU B 222 4.30 -5.94 14.46
C LEU B 222 4.94 -7.00 15.36
N GLY B 223 5.03 -8.22 14.87
CA GLY B 223 5.67 -9.30 15.60
C GLY B 223 4.87 -10.57 15.38
N ASP B 224 4.95 -11.47 16.36
CA ASP B 224 4.18 -12.70 16.33
C ASP B 224 2.90 -12.54 17.13
N ARG B 225 2.60 -11.30 17.50
CA ARG B 225 1.41 -10.97 18.24
C ARG B 225 1.20 -9.47 18.20
N LEU B 226 -0.02 -9.02 18.43
CA LEU B 226 -0.28 -7.60 18.63
C LEU B 226 0.53 -7.10 19.83
N PRO B 227 0.97 -5.81 19.80
CA PRO B 227 1.59 -5.25 21.00
C PRO B 227 0.55 -5.29 22.13
N PRO B 228 0.92 -5.94 23.24
CA PRO B 228 -0.01 -6.22 24.36
C PRO B 228 -0.55 -4.99 25.09
N VAL B 229 -1.84 -5.06 25.44
CA VAL B 229 -2.51 -4.06 26.27
C VAL B 229 -1.85 -3.97 27.67
N PRO B 230 -1.36 -2.77 28.04
CA PRO B 230 -0.81 -2.57 29.39
C PRO B 230 -1.94 -2.63 30.42
N ALA B 231 -1.62 -2.89 31.69
CA ALA B 231 -2.64 -2.88 32.75
C ALA B 231 -3.48 -1.60 32.70
N ARG B 232 -2.82 -0.46 32.91
CA ARG B 232 -3.46 0.85 32.93
C ARG B 232 -3.09 1.54 31.62
N PRO B 233 -4.05 2.25 30.95
CA PRO B 233 -3.65 2.94 29.71
C PRO B 233 -2.51 3.92 30.00
N GLU B 234 -1.61 4.02 29.04
CA GLU B 234 -0.37 4.72 29.20
C GLU B 234 -0.43 6.07 28.49
N VAL B 235 0.43 7.00 28.89
CA VAL B 235 0.59 8.23 28.16
C VAL B 235 1.77 8.02 27.23
N ALA B 236 1.55 8.25 25.92
CA ALA B 236 2.61 8.07 24.93
C ALA B 236 3.50 9.29 24.91
N ILE B 237 4.82 9.07 24.83
CA ILE B 237 5.79 10.14 24.60
C ILE B 237 6.49 9.84 23.27
N THR B 238 6.27 10.67 22.27
CA THR B 238 6.81 10.28 20.96
C THR B 238 7.43 11.42 20.22
N MET B 239 8.35 11.08 19.32
CA MET B 239 8.99 12.07 18.48
C MET B 239 9.35 11.37 17.20
N GLY B 240 9.09 12.01 16.07
CA GLY B 240 9.41 11.44 14.77
C GLY B 240 10.91 11.40 14.51
N THR B 241 11.32 10.47 13.66
CA THR B 241 12.75 10.26 13.33
C THR B 241 13.50 11.50 12.80
N ILE B 242 12.86 12.28 11.92
CA ILE B 242 13.56 13.44 11.34
C ILE B 242 13.70 14.56 12.38
N GLU B 243 12.69 14.70 13.24
CA GLU B 243 12.76 15.61 14.40
C GLU B 243 13.92 15.25 15.33
N LEU B 244 14.04 13.95 15.61
CA LEU B 244 15.13 13.40 16.42
C LEU B 244 16.48 13.67 15.76
N GLN B 245 16.54 13.51 14.43
CA GLN B 245 17.74 13.86 13.64
C GLN B 245 18.09 15.36 13.69
N ALA B 246 17.09 16.20 13.47
CA ALA B 246 17.26 17.66 13.55
C ALA B 246 17.70 18.15 14.94
N PHE B 247 16.89 17.81 15.96
CA PHE B 247 16.99 18.40 17.31
C PHE B 247 17.73 17.55 18.34
N GLY B 248 17.84 16.25 18.08
CA GLY B 248 18.55 15.35 18.99
C GLY B 248 17.67 14.82 20.10
N ILE B 249 18.13 13.73 20.74
CA ILE B 249 17.35 13.03 21.73
C ILE B 249 17.17 13.92 22.96
N GLY B 250 18.07 14.89 23.11
CA GLY B 250 17.99 15.87 24.21
C GLY B 250 16.67 16.60 24.29
N ALA B 251 16.06 16.86 23.13
CA ALA B 251 14.75 17.52 23.04
C ALA B 251 13.66 16.84 23.86
N VAL B 252 13.71 15.52 23.96
CA VAL B 252 12.66 14.80 24.66
C VAL B 252 13.03 14.53 26.12
N GLU B 253 14.32 14.71 26.47
CA GLU B 253 14.77 14.42 27.83
C GLU B 253 14.00 15.14 28.96
N PRO B 254 13.74 16.46 28.84
CA PRO B 254 13.01 17.08 29.94
C PRO B 254 11.56 16.59 30.04
N ILE B 255 10.98 16.13 28.93
CA ILE B 255 9.63 15.51 28.97
C ILE B 255 9.63 14.19 29.78
N ILE B 256 10.64 13.35 29.53
CA ILE B 256 10.81 12.10 30.26
C ILE B 256 11.08 12.36 31.76
N ALA B 257 11.94 13.34 32.05
CA ALA B 257 12.20 13.72 33.42
C ALA B 257 10.93 14.19 34.13
N ALA B 258 10.13 15.01 33.45
CA ALA B 258 8.85 15.50 34.00
C ALA B 258 7.86 14.34 34.19
N ALA B 259 7.76 13.46 33.20
CA ALA B 259 6.94 12.24 33.30
C ALA B 259 7.32 11.40 34.55
N GLY B 260 8.62 11.32 34.85
CA GLY B 260 9.10 10.58 36.02
C GLY B 260 8.52 11.10 37.33
N GLU B 261 7.98 12.32 37.28
CA GLU B 261 7.49 13.00 38.48
C GLU B 261 5.98 13.03 38.52
N VAL B 262 5.35 12.25 37.66
CA VAL B 262 3.91 12.20 37.57
C VAL B 262 3.42 10.80 37.94
N ASP B 263 2.38 10.74 38.77
CA ASP B 263 1.76 9.47 39.11
C ASP B 263 0.86 8.91 37.99
N ALA B 264 1.49 8.44 36.92
CA ALA B 264 0.84 7.79 35.79
C ALA B 264 1.91 6.98 35.06
N ASP B 265 1.49 6.17 34.10
CA ASP B 265 2.38 5.26 33.36
C ASP B 265 2.66 5.77 31.95
N PHE B 266 3.92 5.73 31.52
CA PHE B 266 4.30 6.34 30.24
C PHE B 266 4.94 5.33 29.30
N VAL B 267 4.72 5.54 28.02
CA VAL B 267 5.32 4.69 26.99
C VAL B 267 6.12 5.59 26.05
N LEU B 268 7.39 5.26 25.92
CA LEU B 268 8.30 6.08 25.16
C LEU B 268 8.55 5.45 23.80
N ALA B 269 8.26 6.24 22.77
CA ALA B 269 8.32 5.74 21.39
C ALA B 269 9.15 6.67 20.49
N LEU B 270 10.46 6.42 20.48
CA LEU B 270 11.44 7.19 19.72
C LEU B 270 11.94 6.45 18.47
N GLY B 271 11.07 5.62 17.89
CA GLY B 271 11.43 4.88 16.69
C GLY B 271 12.39 3.78 17.05
N ASP B 272 13.35 3.51 16.18
CA ASP B 272 14.35 2.50 16.55
C ASP B 272 15.69 3.10 16.99
N LEU B 273 15.63 4.36 17.46
CA LEU B 273 16.78 5.11 17.99
C LEU B 273 17.28 4.42 19.28
N ASP B 274 18.59 4.36 19.46
CA ASP B 274 19.17 3.92 20.72
C ASP B 274 18.86 4.98 21.79
N ILE B 275 18.09 4.60 22.79
CA ILE B 275 17.61 5.54 23.81
C ILE B 275 18.56 5.62 25.00
N SER B 276 19.63 4.83 24.98
CA SER B 276 20.58 4.82 26.09
C SER B 276 21.16 6.18 26.53
N PRO B 277 21.41 7.13 25.57
CA PRO B 277 21.93 8.44 25.98
C PRO B 277 20.97 9.26 26.85
N LEU B 278 19.74 8.80 27.00
CA LEU B 278 18.81 9.41 27.96
C LEU B 278 19.13 9.03 29.38
N GLY B 279 20.08 8.11 29.53
CA GLY B 279 20.42 7.55 30.84
C GLY B 279 19.29 6.68 31.35
N THR B 280 19.22 6.53 32.66
CA THR B 280 18.26 5.65 33.32
C THR B 280 16.84 6.20 33.18
N LEU B 281 15.94 5.43 32.58
CA LEU B 281 14.55 5.88 32.44
C LEU B 281 13.87 5.81 33.81
N PRO B 282 12.96 6.76 34.13
CA PRO B 282 12.13 6.65 35.34
C PRO B 282 11.41 5.31 35.33
N ARG B 283 11.19 4.70 36.50
CA ARG B 283 10.53 3.40 36.51
C ARG B 283 9.10 3.38 35.95
N ASN B 284 8.46 4.54 35.82
CA ASN B 284 7.11 4.61 35.21
C ASN B 284 7.13 4.90 33.71
N VAL B 285 8.31 4.84 33.08
CA VAL B 285 8.40 5.15 31.64
C VAL B 285 9.01 3.93 30.96
N ARG B 286 8.26 3.31 30.07
CA ARG B 286 8.84 2.13 29.40
C ARG B 286 8.99 2.36 27.91
N ALA B 287 10.14 1.94 27.39
CA ALA B 287 10.46 2.17 25.97
C ALA B 287 9.87 1.06 25.09
N VAL B 288 9.40 1.42 23.90
CA VAL B 288 8.97 0.44 22.91
C VAL B 288 9.69 0.69 21.60
N GLY B 289 9.86 -0.36 20.81
CA GLY B 289 10.43 -0.23 19.49
C GLY B 289 9.36 0.37 18.60
N TRP B 290 9.72 0.66 17.35
CA TRP B 290 8.79 1.34 16.45
C TRP B 290 7.58 0.51 16.04
N THR B 291 6.40 1.12 16.11
CA THR B 291 5.22 0.68 15.36
C THR B 291 4.57 1.96 14.85
N PRO B 292 3.73 1.88 13.81
CA PRO B 292 2.96 3.04 13.43
C PRO B 292 2.28 3.69 14.65
N LEU B 293 2.29 5.02 14.67
CA LEU B 293 1.76 5.76 15.82
C LEU B 293 0.31 5.40 16.12
N HIS B 294 -0.52 5.24 15.10
CA HIS B 294 -1.93 4.87 15.36
C HIS B 294 -2.05 3.55 16.13
N THR B 295 -1.16 2.60 15.83
CA THR B 295 -1.07 1.32 16.50
C THR B 295 -0.78 1.53 17.97
N LEU B 296 0.26 2.32 18.24
CA LEU B 296 0.64 2.66 19.61
C LEU B 296 -0.49 3.31 20.39
N LEU B 297 -1.18 4.26 19.77
CA LEU B 297 -2.18 5.08 20.48
C LEU B 297 -3.49 4.36 20.79
N ARG B 298 -3.67 3.18 20.19
CA ARG B 298 -4.84 2.31 20.47
C ARG B 298 -5.05 2.05 21.96
N THR B 299 -3.95 1.98 22.70
CA THR B 299 -3.94 1.57 24.10
C THR B 299 -3.51 2.73 25.03
N CYS B 300 -3.40 3.94 24.48
CA CYS B 300 -2.93 5.10 25.23
C CYS B 300 -4.06 6.04 25.69
N THR B 301 -3.84 6.71 26.82
CA THR B 301 -4.78 7.66 27.37
C THR B 301 -4.60 9.11 26.89
N ALA B 302 -3.38 9.42 26.44
CA ALA B 302 -3.04 10.77 26.02
C ALA B 302 -1.70 10.65 25.31
N VAL B 303 -1.29 11.70 24.62
CA VAL B 303 -0.03 11.64 23.91
C VAL B 303 0.73 12.97 24.01
N VAL B 304 2.03 12.89 24.28
CA VAL B 304 2.91 14.04 24.15
C VAL B 304 3.74 13.86 22.86
N HIS B 305 3.72 14.83 21.95
CA HIS B 305 4.49 14.72 20.73
C HIS B 305 5.16 16.05 20.37
N HIS B 306 5.89 16.03 19.26
CA HIS B 306 6.70 17.17 18.86
C HIS B 306 6.18 17.82 17.60
N GLY B 307 4.88 17.61 17.34
CA GLY B 307 4.20 18.13 16.16
C GLY B 307 4.72 17.57 14.85
N GLY B 308 5.23 16.33 14.86
CA GLY B 308 5.65 15.68 13.59
C GLY B 308 4.50 15.51 12.58
N GLY B 309 4.84 15.16 11.34
CA GLY B 309 3.82 14.94 10.31
C GLY B 309 2.73 14.00 10.81
N GLY B 310 1.48 14.44 10.65
CA GLY B 310 0.29 13.63 10.97
C GLY B 310 -0.06 13.37 12.43
N THR B 311 0.79 13.85 13.35
CA THR B 311 0.61 13.55 14.79
C THR B 311 -0.68 14.11 15.39
N VAL B 312 -0.99 15.37 15.09
CA VAL B 312 -2.19 16.01 15.63
C VAL B 312 -3.43 15.18 15.26
N MET B 313 -3.56 14.86 13.99
CA MET B 313 -4.75 14.16 13.48
C MET B 313 -4.80 12.69 13.91
N THR B 314 -3.64 12.06 14.07
CA THR B 314 -3.59 10.67 14.55
C THR B 314 -3.99 10.60 16.06
N ALA B 315 -3.58 11.60 16.86
CA ALA B 315 -4.05 11.71 18.23
C ALA B 315 -5.57 11.95 18.23
N ILE B 316 -6.07 12.77 17.29
CA ILE B 316 -7.51 12.98 17.16
C ILE B 316 -8.25 11.67 16.79
N ASP B 317 -7.71 10.93 15.83
CA ASP B 317 -8.25 9.62 15.46
C ASP B 317 -8.33 8.69 16.69
N ALA B 318 -7.32 8.76 17.57
CA ALA B 318 -7.31 7.98 18.81
C ALA B 318 -8.35 8.51 19.82
N GLY B 319 -8.77 9.77 19.65
CA GLY B 319 -9.74 10.49 20.51
C GLY B 319 -9.18 10.85 21.87
N ILE B 320 -7.87 11.05 21.95
CA ILE B 320 -7.21 11.31 23.22
C ILE B 320 -6.62 12.74 23.25
N PRO B 321 -6.53 13.33 24.44
CA PRO B 321 -5.89 14.64 24.53
C PRO B 321 -4.39 14.58 24.19
N GLN B 322 -3.91 15.66 23.61
CA GLN B 322 -2.51 15.70 23.22
C GLN B 322 -1.78 16.91 23.80
N LEU B 323 -0.48 16.76 23.96
CA LEU B 323 0.42 17.87 24.23
C LEU B 323 1.41 18.03 23.10
N LEU B 324 1.28 19.16 22.40
CA LEU B 324 2.17 19.55 21.33
C LEU B 324 3.35 20.26 22.01
N ALA B 325 4.51 19.60 22.02
CA ALA B 325 5.69 20.13 22.68
C ALA B 325 6.91 20.07 21.79
N PRO B 326 6.90 20.83 20.68
CA PRO B 326 8.07 20.82 19.80
C PRO B 326 9.34 21.36 20.45
N ASP B 327 10.49 20.98 19.92
CA ASP B 327 11.72 21.68 20.27
C ASP B 327 11.46 23.19 20.03
N PRO B 328 11.92 24.06 20.96
CA PRO B 328 11.69 25.51 20.84
C PRO B 328 12.41 26.13 19.66
N ARG B 329 13.34 25.37 19.08
CA ARG B 329 14.06 25.79 17.89
C ARG B 329 13.30 25.44 16.60
N ASP B 330 12.25 24.61 16.70
CA ASP B 330 11.39 24.27 15.53
C ASP B 330 10.68 25.54 15.03
N GLN B 331 10.86 25.85 13.75
CA GLN B 331 10.32 27.06 13.17
C GLN B 331 8.93 26.91 12.52
N PHE B 332 8.42 25.69 12.41
CA PHE B 332 7.17 25.45 11.68
C PHE B 332 5.98 25.01 12.52
N GLN B 333 5.85 25.57 13.71
CA GLN B 333 4.78 25.08 14.58
C GLN B 333 3.67 26.08 14.89
N HIS B 334 3.79 27.29 14.37
CA HIS B 334 2.86 28.36 14.69
C HIS B 334 1.38 27.96 14.51
N THR B 335 1.04 27.42 13.33
CA THR B 335 -0.38 27.19 13.00
C THR B 335 -0.98 25.97 13.70
N ALA B 336 -0.19 24.92 13.97
CA ALA B 336 -0.66 23.81 14.80
C ALA B 336 -0.87 24.21 16.26
N ARG B 337 0.05 24.99 16.79
CA ARG B 337 -0.07 25.57 18.12
C ARG B 337 -1.42 26.26 18.29
N GLU B 338 -1.71 27.18 17.36
CA GLU B 338 -2.98 27.91 17.34
C GLU B 338 -4.21 27.02 17.20
N ALA B 339 -4.14 26.00 16.32
CA ALA B 339 -5.27 25.08 16.10
C ALA B 339 -5.60 24.27 17.35
N VAL B 340 -4.56 23.71 17.97
CA VAL B 340 -4.74 22.89 19.15
C VAL B 340 -5.24 23.69 20.37
N SER B 341 -4.64 24.86 20.62
CA SER B 341 -5.08 25.75 21.70
C SER B 341 -6.48 26.31 21.51
N ARG B 342 -6.80 26.79 20.32
CA ARG B 342 -8.10 27.42 20.05
C ARG B 342 -9.27 26.45 20.21
N ARG B 343 -9.11 25.20 19.76
CA ARG B 343 -10.15 24.22 19.88
C ARG B 343 -10.18 23.54 21.27
N GLY B 344 -9.04 23.49 21.95
CA GLY B 344 -8.96 22.91 23.28
C GLY B 344 -8.80 21.39 23.32
N ILE B 345 -8.37 20.80 22.21
CA ILE B 345 -8.12 19.34 22.13
C ILE B 345 -6.81 18.92 22.80
N GLY B 346 -6.06 19.91 23.25
CA GLY B 346 -4.73 19.64 23.72
C GLY B 346 -4.13 20.83 24.40
N LEU B 347 -2.88 20.65 24.81
CA LEU B 347 -2.07 21.71 25.40
C LEU B 347 -0.92 21.97 24.47
N VAL B 348 -0.36 23.18 24.55
CA VAL B 348 0.81 23.52 23.76
C VAL B 348 1.93 24.07 24.64
N SER B 349 3.14 23.62 24.36
CA SER B 349 4.34 24.13 25.01
C SER B 349 5.52 23.95 24.06
N THR B 350 6.73 24.15 24.57
CA THR B 350 7.90 23.66 23.89
C THR B 350 8.50 22.55 24.75
N SER B 351 9.26 21.64 24.15
CA SER B 351 9.80 20.49 24.89
C SER B 351 10.57 20.88 26.17
N ASP B 352 11.34 21.98 26.09
CA ASP B 352 12.14 22.49 27.19
C ASP B 352 11.35 23.02 28.39
N LYS B 353 10.09 23.36 28.16
CA LYS B 353 9.24 23.95 29.21
C LYS B 353 8.19 22.97 29.78
N VAL B 354 8.10 21.77 29.20
CA VAL B 354 7.21 20.74 29.75
C VAL B 354 7.65 20.41 31.16
N ASP B 355 6.72 20.52 32.10
CA ASP B 355 6.98 20.13 33.49
C ASP B 355 5.88 19.17 33.98
N ALA B 356 6.00 18.71 35.21
CA ALA B 356 5.05 17.73 35.76
C ALA B 356 3.60 18.26 35.81
N ASP B 357 3.42 19.52 36.18
CA ASP B 357 2.08 20.12 36.24
C ASP B 357 1.38 20.11 34.90
N LEU B 358 2.15 20.35 33.84
CA LEU B 358 1.57 20.37 32.50
C LEU B 358 1.05 18.97 32.11
N LEU B 359 1.84 17.96 32.44
CA LEU B 359 1.50 16.55 32.14
C LEU B 359 0.33 16.08 32.99
N ARG B 360 0.26 16.51 34.24
CA ARG B 360 -0.90 16.17 35.06
C ARG B 360 -2.16 16.84 34.49
N ARG B 361 -2.01 18.06 33.94
CA ARG B 361 -3.17 18.70 33.29
C ARG B 361 -3.61 17.94 32.00
N LEU B 362 -2.64 17.50 31.22
CA LEU B 362 -2.92 16.68 30.02
C LEU B 362 -3.75 15.42 30.38
N ILE B 363 -3.34 14.75 31.46
CA ILE B 363 -3.92 13.49 31.90
C ILE B 363 -5.26 13.73 32.61
N GLY B 364 -5.38 14.84 33.34
CA GLY B 364 -6.49 15.02 34.25
C GLY B 364 -7.59 15.98 33.82
N ASP B 365 -7.27 16.96 32.98
CA ASP B 365 -8.25 17.97 32.61
C ASP B 365 -9.27 17.39 31.63
N GLU B 366 -10.48 17.10 32.14
CA GLU B 366 -11.54 16.50 31.33
C GLU B 366 -11.99 17.28 30.10
N SER B 367 -11.89 18.61 30.16
CA SER B 367 -12.17 19.50 29.02
C SER B 367 -11.40 19.12 27.77
N LEU B 368 -10.15 18.71 27.96
CA LEU B 368 -9.29 18.36 26.84
C LEU B 368 -9.78 17.09 26.16
N ARG B 369 -10.11 16.10 26.99
CA ARG B 369 -10.63 14.84 26.50
C ARG B 369 -12.01 15.00 25.84
N THR B 370 -12.88 15.82 26.45
CA THR B 370 -14.18 16.14 25.85
C THR B 370 -14.02 16.70 24.44
N ALA B 371 -13.17 17.73 24.30
CA ALA B 371 -12.87 18.35 23.01
C ALA B 371 -12.28 17.36 22.02
N ALA B 372 -11.31 16.53 22.47
CA ALA B 372 -10.69 15.57 21.58
C ALA B 372 -11.74 14.61 21.09
N ARG B 373 -12.63 14.18 21.99
CA ARG B 373 -13.72 13.27 21.62
C ARG B 373 -14.67 13.93 20.61
N GLU B 374 -15.04 15.18 20.89
CA GLU B 374 -15.92 15.90 19.97
C GLU B 374 -15.28 16.03 18.58
N VAL B 375 -13.99 16.37 18.55
CA VAL B 375 -13.31 16.58 17.28
C VAL B 375 -13.13 15.28 16.54
N ARG B 376 -12.88 14.19 17.28
CA ARG B 376 -12.88 12.85 16.67
C ARG B 376 -14.24 12.54 16.01
N GLU B 377 -15.35 12.85 16.70
CA GLU B 377 -16.66 12.59 16.12
C GLU B 377 -16.89 13.41 14.85
N GLU B 378 -16.50 14.67 14.90
CA GLU B 378 -16.56 15.57 13.76
C GLU B 378 -15.75 15.01 12.58
N MET B 379 -14.53 14.55 12.87
CA MET B 379 -13.59 14.05 11.88
C MET B 379 -14.14 12.75 11.24
N VAL B 380 -14.63 11.83 12.05
CA VAL B 380 -15.12 10.57 11.49
C VAL B 380 -16.44 10.70 10.72
N ALA B 381 -17.21 11.77 10.96
CA ALA B 381 -18.41 12.04 10.18
C ALA B 381 -18.05 12.64 8.79
N LEU B 382 -16.79 13.05 8.59
CA LEU B 382 -16.33 13.55 7.27
C LEU B 382 -16.22 12.41 6.27
N PRO B 383 -16.26 12.72 4.95
CA PRO B 383 -16.13 11.67 3.94
C PRO B 383 -14.83 10.92 4.11
N THR B 384 -14.89 9.60 3.93
CA THR B 384 -13.66 8.78 3.95
C THR B 384 -12.79 9.10 2.73
N PRO B 385 -11.54 8.64 2.74
CA PRO B 385 -10.75 8.70 1.52
C PRO B 385 -11.44 7.98 0.34
N ALA B 386 -12.10 6.83 0.57
CA ALA B 386 -12.84 6.13 -0.50
C ALA B 386 -13.97 7.04 -1.03
N GLU B 387 -14.73 7.67 -0.13
CA GLU B 387 -15.79 8.62 -0.57
C GLU B 387 -15.23 9.84 -1.27
N THR B 388 -14.07 10.30 -0.82
CA THR B 388 -13.41 11.47 -1.41
C THR B 388 -12.96 11.20 -2.83
N VAL B 389 -12.39 10.02 -3.05
CA VAL B 389 -12.06 9.60 -4.41
C VAL B 389 -13.31 9.68 -5.30
N ARG B 390 -14.43 9.11 -4.83
CA ARG B 390 -15.64 9.12 -5.61
C ARG B 390 -16.05 10.58 -5.85
N ARG B 391 -15.90 11.44 -4.84
CA ARG B 391 -16.28 12.84 -5.03
CA ARG B 391 -16.19 12.89 -4.92
C ARG B 391 -15.35 13.59 -6.01
N ILE B 392 -14.07 13.22 -6.05
CA ILE B 392 -13.13 13.88 -6.97
C ILE B 392 -13.45 13.41 -8.36
N VAL B 393 -13.62 12.11 -8.52
CA VAL B 393 -14.00 11.53 -9.81
C VAL B 393 -15.26 12.21 -10.36
N GLU B 394 -16.25 12.45 -9.49
CA GLU B 394 -17.45 13.20 -9.86
C GLU B 394 -17.08 14.63 -10.31
N ARG B 395 -16.28 15.32 -9.51
CA ARG B 395 -15.88 16.71 -9.79
C ARG B 395 -15.24 16.91 -11.18
N ILE B 396 -14.38 15.97 -11.60
CA ILE B 396 -13.60 16.14 -12.84
C ILE B 396 -14.21 15.42 -14.04
O1 PE4 C . 3.20 -27.32 -2.38
C1 PE4 C . 1.96 -26.88 -1.80
C2 PE4 C . 1.04 -26.38 -2.90
O2 PE4 C . -0.33 -26.38 -2.43
C3 PE4 C . -1.25 -25.96 -3.46
C4 PE4 C . -1.23 -24.43 -3.65
O3 PE4 C . -1.91 -24.17 -4.88
C5 PE4 C . -2.21 -22.73 -5.10
C6 PE4 C . -2.97 -22.14 -3.89
O4 PE4 C . -4.38 -22.28 -3.89
C7 PE4 C . -4.92 -22.30 -2.50
C8 PE4 C . -4.07 -23.02 -1.45
O5 PE4 C . -4.34 -24.42 -1.45
#